data_5TSO
#
_entry.id   5TSO
#
_cell.length_a   86.480
_cell.length_b   133.520
_cell.length_c   210.320
_cell.angle_alpha   90.00
_cell.angle_beta   90.00
_cell.angle_gamma   90.00
#
_symmetry.space_group_name_H-M   'I 2 2 2'
#
loop_
_entity.id
_entity.type
_entity.pdbx_description
1 polymer 'Glyceraldehyde-3-phosphate dehydrogenase'
2 non-polymer 'SULFATE ION'
3 non-polymer NICOTINAMIDE-ADENINE-DINUCLEOTIDE
4 non-polymer GLYCEROL
5 non-polymer 1,10-PHENANTHROLINE
6 water water
#
_entity_poly.entity_id   1
_entity_poly.type   'polypeptide(L)'
_entity_poly.pdbx_seq_one_letter_code
;MVKVGVNGFGRIGRLVTRAAFNSGKVDIVAINDPFIDLHYMVYMFQYDSTHGKFHGTVKAENGKLVINGKAITIFQERDP
ANIKWGDAGATYVVESTGVFTTMEKAGAHLKGGAKRVIISAPSADAPMFVMGVNHEKYDNSLKIVSNASCTTNCLAPLAK
VIHDHFGIVEGLMTTVHAITATQKTVDGPSGKLWRDGRGAAQNIIPASTGAAKAVGKVIPELNGKLTGMAFRVPTPNVSV
VDLTCRLEKPAKYDDIKKVVKQASEGPLKGILGYTEDQVVSCDFNSDTHSSTFDAGAGIALNDHFVKLISWYDNEFGYSN
RVVDLMVHMASKE
;
_entity_poly.pdbx_strand_id   P,R,S
#
loop_
_chem_comp.id
_chem_comp.type
_chem_comp.name
_chem_comp.formula
GOL non-polymer GLYCEROL 'C3 H8 O3'
NAD non-polymer NICOTINAMIDE-ADENINE-DINUCLEOTIDE 'C21 H27 N7 O14 P2'
PHN non-polymer 1,10-PHENANTHROLINE 'C12 H8 N2'
SO4 non-polymer 'SULFATE ION' 'O4 S -2'
#
# COMPACT_ATOMS: atom_id res chain seq x y z
N VAL A 2 -4.73 -2.82 -23.40
CA VAL A 2 -5.49 -3.06 -22.14
C VAL A 2 -5.88 -1.72 -21.56
N LYS A 3 -7.08 -1.67 -21.03
CA LYS A 3 -7.65 -0.59 -20.33
C LYS A 3 -7.27 -0.67 -18.85
N VAL A 4 -6.93 0.48 -18.32
CA VAL A 4 -6.30 0.57 -17.00
C VAL A 4 -6.96 1.61 -16.16
N GLY A 5 -7.10 1.29 -14.88
CA GLY A 5 -7.57 2.26 -13.91
C GLY A 5 -6.42 2.53 -12.92
N VAL A 6 -6.41 3.73 -12.32
CA VAL A 6 -5.31 4.12 -11.42
C VAL A 6 -5.91 4.48 -10.08
N ASN A 7 -5.42 3.83 -9.04
CA ASN A 7 -5.85 4.12 -7.68
C ASN A 7 -4.75 4.89 -6.94
N GLY A 8 -5.03 6.15 -6.59
CA GLY A 8 -3.92 7.02 -6.03
C GLY A 8 -3.26 7.79 -7.19
N PHE A 9 -3.78 8.98 -7.46
CA PHE A 9 -3.27 9.83 -8.56
C PHE A 9 -2.14 10.73 -8.02
N GLY A 10 -1.10 10.07 -7.53
CA GLY A 10 0.00 10.77 -6.85
C GLY A 10 1.21 10.92 -7.76
N ARG A 11 2.42 10.90 -7.21
CA ARG A 11 3.63 10.99 -8.03
C ARG A 11 3.62 9.83 -9.06
N ILE A 12 3.49 8.61 -8.57
CA ILE A 12 3.47 7.43 -9.46
C ILE A 12 2.19 7.32 -10.28
N GLY A 13 1.04 7.57 -9.70
CA GLY A 13 -0.18 7.45 -10.45
C GLY A 13 -0.22 8.45 -11.62
N ARG A 14 0.24 9.68 -11.38
CA ARG A 14 0.23 10.66 -12.44
C ARG A 14 1.26 10.34 -13.47
N LEU A 15 2.41 9.87 -13.04
CA LEU A 15 3.51 9.67 -14.00
C LEU A 15 3.28 8.39 -14.80
N VAL A 16 2.62 7.44 -14.19
CA VAL A 16 2.09 6.26 -15.00
C VAL A 16 1.09 6.69 -16.07
N THR A 17 0.18 7.57 -15.70
CA THR A 17 -0.74 8.13 -16.62
C THR A 17 0.01 8.82 -17.77
N ARG A 18 0.94 9.72 -17.45
CA ARG A 18 1.73 10.32 -18.51
C ARG A 18 2.40 9.32 -19.44
N ALA A 19 3.06 8.33 -18.87
CA ALA A 19 3.80 7.31 -19.60
C ALA A 19 2.88 6.47 -20.52
N ALA A 20 1.70 6.13 -20.00
CA ALA A 20 0.63 5.53 -20.79
C ALA A 20 0.22 6.38 -22.03
N PHE A 21 0.03 7.68 -21.85
CA PHE A 21 -0.33 8.54 -22.96
C PHE A 21 0.84 8.82 -23.86
N ASN A 22 2.04 8.88 -23.33
CA ASN A 22 3.22 9.09 -24.19
C ASN A 22 3.48 7.86 -25.10
N SER A 23 3.04 6.70 -24.64
CA SER A 23 3.06 5.48 -25.42
C SER A 23 1.73 4.81 -25.65
N GLY A 24 0.49 5.13 -26.02
CA GLY A 24 -0.50 4.04 -26.33
C GLY A 24 -0.27 2.55 -25.97
N LYS A 25 0.84 2.25 -25.29
CA LYS A 25 1.19 0.94 -24.72
C LYS A 25 -0.02 0.24 -23.94
N VAL A 26 -1.15 0.97 -23.70
CA VAL A 26 -2.01 0.93 -22.48
C VAL A 26 -2.96 2.13 -22.49
N ASP A 27 -4.22 1.93 -22.18
CA ASP A 27 -5.18 3.05 -22.20
C ASP A 27 -5.72 3.27 -20.82
N ILE A 28 -5.47 4.44 -20.27
CA ILE A 28 -6.06 4.85 -19.01
C ILE A 28 -7.55 5.25 -19.14
N VAL A 29 -8.45 4.58 -18.40
CA VAL A 29 -9.94 4.78 -18.58
C VAL A 29 -10.64 5.25 -17.33
N ALA A 30 -9.96 5.14 -16.20
CA ALA A 30 -10.48 5.51 -14.91
C ALA A 30 -9.36 5.83 -13.90
N ILE A 31 -9.71 6.69 -12.97
CA ILE A 31 -8.84 7.12 -11.87
C ILE A 31 -9.65 7.38 -10.63
N ASN A 32 -9.17 6.87 -9.52
CA ASN A 32 -9.75 7.10 -8.24
C ASN A 32 -8.75 7.78 -7.29
N ASP A 33 -9.25 8.82 -6.66
CA ASP A 33 -8.48 9.52 -5.60
C ASP A 33 -9.42 10.41 -4.81
N PRO A 34 -9.71 10.01 -3.58
CA PRO A 34 -10.71 10.75 -2.86
C PRO A 34 -10.16 12.12 -2.39
N PHE A 35 -8.88 12.40 -2.53
CA PHE A 35 -8.34 13.68 -2.04
C PHE A 35 -8.05 14.63 -3.16
N ILE A 36 -8.41 14.25 -4.37
CA ILE A 36 -8.26 15.12 -5.52
C ILE A 36 -9.47 15.08 -6.45
N ASP A 37 -10.26 16.13 -6.38
CA ASP A 37 -11.43 16.21 -7.26
C ASP A 37 -11.06 16.43 -8.74
N LEU A 38 -12.05 16.26 -9.61
CA LEU A 38 -11.89 16.32 -11.06
C LEU A 38 -11.11 17.58 -11.52
N HIS A 39 -11.57 18.75 -11.08
CA HIS A 39 -10.91 20.01 -11.46
C HIS A 39 -9.50 20.10 -10.91
N TYR A 40 -9.32 19.55 -9.72
CA TYR A 40 -8.03 19.55 -9.12
C TYR A 40 -7.10 18.59 -9.80
N MET A 41 -7.64 17.48 -10.32
CA MET A 41 -6.79 16.59 -11.10
C MET A 41 -6.25 17.27 -12.32
N VAL A 42 -7.08 18.12 -12.95
CA VAL A 42 -6.66 18.82 -14.17
C VAL A 42 -5.38 19.61 -13.82
N TYR A 43 -5.44 20.31 -12.71
CA TYR A 43 -4.28 21.08 -12.23
C TYR A 43 -3.00 20.24 -11.94
N MET A 44 -3.13 19.20 -11.14
CA MET A 44 -1.97 18.40 -10.72
C MET A 44 -1.32 17.59 -11.87
N PHE A 45 -2.13 17.24 -12.86
CA PHE A 45 -1.58 16.51 -13.98
C PHE A 45 -0.89 17.49 -14.89
N GLN A 46 -1.50 18.64 -15.07
CA GLN A 46 -0.91 19.64 -16.00
C GLN A 46 0.48 20.16 -15.61
N TYR A 47 0.60 20.51 -14.33
CA TYR A 47 1.82 21.18 -13.81
C TYR A 47 2.53 20.19 -12.94
N ASP A 48 3.81 19.99 -13.22
CA ASP A 48 4.66 19.11 -12.45
C ASP A 48 6.02 19.75 -12.13
N SER A 49 6.31 19.95 -10.83
CA SER A 49 7.50 20.69 -10.42
C SER A 49 8.73 20.00 -10.91
N THR A 50 8.72 18.67 -10.89
CA THR A 50 9.87 17.90 -11.20
C THR A 50 10.02 17.65 -12.73
N HIS A 51 8.96 17.29 -13.39
CA HIS A 51 9.10 16.80 -14.76
C HIS A 51 8.56 17.76 -15.81
N GLY A 52 8.05 18.89 -15.36
CA GLY A 52 7.54 19.97 -16.22
C GLY A 52 6.12 19.81 -16.64
N LYS A 53 5.64 20.86 -17.29
CA LYS A 53 4.29 20.97 -17.68
C LYS A 53 3.93 19.84 -18.69
N PHE A 54 2.74 19.29 -18.56
CA PHE A 54 2.35 18.21 -19.52
C PHE A 54 2.31 18.74 -20.97
N HIS A 55 2.94 17.99 -21.90
CA HIS A 55 2.86 18.29 -23.34
C HIS A 55 1.65 17.56 -23.94
N GLY A 56 0.53 18.24 -23.95
CA GLY A 56 -0.72 17.64 -24.45
C GLY A 56 -1.82 18.43 -23.85
N THR A 57 -3.06 17.94 -23.95
CA THR A 57 -4.19 18.64 -23.47
C THR A 57 -4.77 17.93 -22.27
N VAL A 58 -5.27 18.72 -21.33
CA VAL A 58 -5.93 18.20 -20.14
C VAL A 58 -7.03 19.15 -19.80
N LYS A 59 -8.25 18.66 -19.70
CA LYS A 59 -9.36 19.48 -19.24
C LYS A 59 -10.42 18.61 -18.60
N ALA A 60 -11.31 19.24 -17.85
CA ALA A 60 -12.55 18.63 -17.38
C ALA A 60 -13.70 18.89 -18.36
N GLU A 61 -14.33 17.83 -18.86
CA GLU A 61 -15.60 17.95 -19.61
C GLU A 61 -16.57 16.90 -19.16
N ASN A 62 -17.77 17.35 -18.80
CA ASN A 62 -18.88 16.48 -18.49
C ASN A 62 -18.56 15.49 -17.39
N GLY A 63 -17.91 15.99 -16.34
CA GLY A 63 -17.57 15.19 -15.16
C GLY A 63 -16.43 14.20 -15.35
N LYS A 64 -15.84 14.16 -16.55
CA LYS A 64 -14.65 13.40 -16.80
C LYS A 64 -13.39 14.26 -16.99
N LEU A 65 -12.27 13.58 -16.79
CA LEU A 65 -10.94 14.11 -17.12
C LEU A 65 -10.59 13.68 -18.54
N VAL A 66 -10.36 14.67 -19.39
CA VAL A 66 -10.04 14.45 -20.80
C VAL A 66 -8.58 14.82 -21.08
N ILE A 67 -7.78 13.78 -21.26
CA ILE A 67 -6.36 13.91 -21.58
C ILE A 67 -6.15 13.50 -23.03
N ASN A 68 -5.60 14.41 -23.81
CA ASN A 68 -5.31 14.17 -25.23
C ASN A 68 -6.55 13.69 -25.96
N GLY A 69 -7.69 14.28 -25.63
CA GLY A 69 -8.97 13.90 -26.26
C GLY A 69 -9.69 12.70 -25.66
N LYS A 70 -9.03 11.96 -24.77
CA LYS A 70 -9.60 10.71 -24.22
C LYS A 70 -10.25 10.94 -22.86
N ALA A 71 -11.50 10.56 -22.71
CA ALA A 71 -12.23 10.84 -21.48
C ALA A 71 -12.00 9.73 -20.47
N ILE A 72 -11.74 10.14 -19.25
CA ILE A 72 -11.40 9.21 -18.17
C ILE A 72 -12.41 9.34 -17.05
N THR A 73 -12.90 8.20 -16.58
CA THR A 73 -13.89 8.21 -15.50
C THR A 73 -13.21 8.44 -14.19
N ILE A 74 -13.77 9.32 -13.35
CA ILE A 74 -13.11 9.73 -12.12
C ILE A 74 -13.93 9.31 -10.94
N PHE A 75 -13.32 8.63 -10.00
CA PHE A 75 -13.99 8.20 -8.79
C PHE A 75 -13.36 8.92 -7.63
N GLN A 76 -14.05 8.92 -6.47
CA GLN A 76 -13.62 9.59 -5.24
C GLN A 76 -13.93 8.70 -4.02
N GLU A 77 -13.42 7.48 -4.03
CA GLU A 77 -13.74 6.54 -2.95
C GLU A 77 -12.58 6.29 -2.04
N ARG A 78 -12.78 6.31 -0.73
CA ARG A 78 -11.69 5.88 0.19
C ARG A 78 -11.50 4.37 0.17
N ASP A 79 -12.62 3.66 -0.02
CA ASP A 79 -12.60 2.21 0.10
C ASP A 79 -12.52 1.62 -1.29
N PRO A 80 -11.37 0.99 -1.60
CA PRO A 80 -11.19 0.37 -2.90
C PRO A 80 -12.29 -0.61 -3.33
N ALA A 81 -12.93 -1.26 -2.37
CA ALA A 81 -14.07 -2.15 -2.64
C ALA A 81 -15.27 -1.44 -3.27
N ASN A 82 -15.40 -0.11 -3.06
CA ASN A 82 -16.51 0.67 -3.64
C ASN A 82 -16.26 1.29 -4.99
N ILE A 83 -15.09 1.08 -5.56
CA ILE A 83 -14.80 1.69 -6.87
C ILE A 83 -15.36 0.77 -7.99
N LYS A 84 -16.11 1.33 -8.91
CA LYS A 84 -16.75 0.52 -9.93
C LYS A 84 -15.91 0.43 -11.19
N TRP A 85 -14.79 -0.23 -11.01
CA TRP A 85 -13.82 -0.44 -12.09
C TRP A 85 -14.44 -1.14 -13.32
N GLY A 86 -15.24 -2.17 -13.05
CA GLY A 86 -15.88 -2.91 -14.12
C GLY A 86 -16.78 -2.03 -14.95
N ASP A 87 -17.63 -1.23 -14.28
CA ASP A 87 -18.48 -0.30 -15.02
C ASP A 87 -17.69 0.63 -15.91
N ALA A 88 -16.53 1.12 -15.42
CA ALA A 88 -15.68 2.03 -16.21
C ALA A 88 -14.83 1.31 -17.24
N GLY A 89 -14.84 0.01 -17.28
CA GLY A 89 -13.97 -0.70 -18.21
C GLY A 89 -12.53 -0.90 -17.78
N ALA A 90 -12.18 -0.60 -16.52
CA ALA A 90 -10.80 -0.79 -16.07
C ALA A 90 -10.43 -2.26 -15.88
N THR A 91 -9.74 -2.83 -16.84
CA THR A 91 -9.34 -4.21 -16.70
C THR A 91 -8.26 -4.45 -15.68
N TYR A 92 -7.15 -3.71 -15.80
CA TYR A 92 -6.05 -3.78 -14.85
C TYR A 92 -6.08 -2.52 -13.99
N VAL A 93 -5.73 -2.67 -12.72
CA VAL A 93 -5.75 -1.52 -11.79
C VAL A 93 -4.36 -1.36 -11.24
N VAL A 94 -3.79 -0.16 -11.40
CA VAL A 94 -2.54 0.18 -10.74
C VAL A 94 -2.83 0.69 -9.33
N GLU A 95 -2.27 0.01 -8.34
CA GLU A 95 -2.60 0.33 -6.96
C GLU A 95 -1.37 1.14 -6.44
N SER A 96 -1.50 2.47 -6.54
CA SER A 96 -0.38 3.43 -6.29
C SER A 96 -0.75 4.44 -5.16
N THR A 97 -1.54 4.03 -4.17
CA THR A 97 -1.85 4.89 -3.04
C THR A 97 -0.83 4.77 -1.93
N GLY A 98 -0.09 3.67 -1.89
CA GLY A 98 0.80 3.42 -0.79
C GLY A 98 0.14 2.81 0.43
N VAL A 99 -1.19 2.67 0.47
CA VAL A 99 -1.78 2.12 1.73
C VAL A 99 -2.51 0.77 1.54
N PHE A 100 -2.40 0.17 0.36
CA PHE A 100 -3.06 -1.12 0.08
C PHE A 100 -2.10 -2.07 -0.58
N THR A 101 -0.99 -2.42 0.10
CA THR A 101 0.11 -3.11 -0.54
C THR A 101 0.16 -4.66 -0.32
N THR A 102 -0.71 -5.17 0.56
CA THR A 102 -0.80 -6.59 0.78
C THR A 102 -1.79 -7.16 -0.19
N MET A 103 -1.72 -8.48 -0.39
CA MET A 103 -2.76 -9.07 -1.23
C MET A 103 -4.18 -8.84 -0.71
N GLU A 104 -4.36 -8.99 0.59
CA GLU A 104 -5.70 -8.84 1.17
C GLU A 104 -6.20 -7.44 0.84
N LYS A 105 -5.37 -6.41 1.02
CA LYS A 105 -5.92 -5.06 0.79
C LYS A 105 -6.06 -4.70 -0.69
N ALA A 106 -4.99 -4.94 -1.45
CA ALA A 106 -5.08 -4.70 -2.89
C ALA A 106 -6.16 -5.51 -3.54
N GLY A 107 -6.50 -6.64 -2.95
CA GLY A 107 -7.55 -7.46 -3.54
C GLY A 107 -8.92 -6.86 -3.58
N ALA A 108 -9.15 -5.78 -2.84
CA ALA A 108 -10.45 -5.19 -2.78
C ALA A 108 -10.84 -4.61 -4.10
N HIS A 109 -9.82 -4.33 -4.95
CA HIS A 109 -10.13 -3.86 -6.30
C HIS A 109 -10.91 -4.93 -7.10
N LEU A 110 -10.65 -6.17 -6.75
CA LEU A 110 -11.35 -7.31 -7.43
C LEU A 110 -12.85 -7.24 -7.18
N LYS A 111 -13.22 -6.75 -5.99
CA LYS A 111 -14.63 -6.47 -5.62
C LYS A 111 -15.36 -5.56 -6.55
N GLY A 112 -14.71 -4.47 -6.95
CA GLY A 112 -15.34 -3.53 -7.88
C GLY A 112 -15.24 -3.91 -9.34
N GLY A 113 -14.60 -5.04 -9.62
CA GLY A 113 -14.68 -5.60 -10.98
C GLY A 113 -13.44 -5.50 -11.80
N ALA A 114 -12.36 -5.05 -11.19
CA ALA A 114 -11.07 -5.20 -11.86
C ALA A 114 -10.75 -6.68 -12.08
N LYS A 115 -10.04 -6.94 -13.18
CA LYS A 115 -9.50 -8.28 -13.42
C LYS A 115 -8.14 -8.65 -12.82
N ARG A 116 -7.16 -7.72 -12.86
CA ARG A 116 -5.95 -7.93 -12.19
C ARG A 116 -5.50 -6.56 -11.60
N VAL A 117 -4.67 -6.66 -10.55
CA VAL A 117 -4.08 -5.51 -9.81
C VAL A 117 -2.56 -5.57 -9.85
N ILE A 118 -1.95 -4.43 -10.14
CA ILE A 118 -0.51 -4.26 -10.09
C ILE A 118 -0.25 -3.19 -8.98
N ILE A 119 0.40 -3.63 -7.93
CA ILE A 119 0.74 -2.81 -6.78
C ILE A 119 2.07 -2.10 -7.15
N SER A 120 2.04 -0.78 -7.04
CA SER A 120 3.22 0.05 -7.39
C SER A 120 4.25 0.16 -6.26
N ALA A 121 4.51 -0.94 -5.58
CA ALA A 121 5.42 -1.02 -4.48
C ALA A 121 5.65 -2.48 -4.16
N PRO A 122 6.70 -2.78 -3.37
CA PRO A 122 6.86 -4.11 -2.80
C PRO A 122 5.58 -4.52 -2.02
N SER A 123 5.40 -5.84 -1.90
CA SER A 123 4.31 -6.43 -1.20
C SER A 123 4.85 -7.50 -0.30
N ALA A 124 4.25 -7.64 0.88
CA ALA A 124 4.64 -8.73 1.80
C ALA A 124 4.31 -10.06 1.18
N ASP A 125 3.35 -10.13 0.28
CA ASP A 125 2.90 -11.44 -0.23
C ASP A 125 2.57 -11.52 -1.72
N ALA A 126 2.22 -10.42 -2.38
CA ALA A 126 1.98 -10.46 -3.79
C ALA A 126 3.33 -10.69 -4.48
N PRO A 127 3.34 -11.56 -5.49
CA PRO A 127 4.62 -11.85 -6.13
C PRO A 127 5.18 -10.59 -6.84
N MET A 128 6.49 -10.41 -6.76
CA MET A 128 7.18 -9.21 -7.31
C MET A 128 7.96 -9.50 -8.56
N PHE A 129 7.85 -8.60 -9.52
CA PHE A 129 8.45 -8.70 -10.84
C PHE A 129 9.27 -7.41 -11.12
N VAL A 130 10.40 -7.66 -11.77
CA VAL A 130 11.30 -6.63 -12.28
C VAL A 130 11.45 -6.91 -13.78
N MET A 131 10.92 -6.00 -14.59
CA MET A 131 11.14 -6.05 -16.03
C MET A 131 12.65 -6.24 -16.38
N GLY A 132 12.87 -7.21 -17.27
CA GLY A 132 14.18 -7.65 -17.71
C GLY A 132 14.92 -8.59 -16.80
N VAL A 133 14.36 -8.93 -15.64
CA VAL A 133 15.07 -9.81 -14.69
C VAL A 133 14.19 -11.07 -14.45
N ASN A 134 12.90 -10.89 -14.12
CA ASN A 134 12.05 -12.08 -13.88
C ASN A 134 10.63 -11.90 -14.31
N HIS A 135 10.39 -10.98 -15.23
CA HIS A 135 9.06 -10.72 -15.65
C HIS A 135 8.48 -11.90 -16.44
N GLU A 136 9.32 -12.74 -16.99
CA GLU A 136 8.79 -13.95 -17.66
C GLU A 136 8.32 -15.06 -16.69
N LYS A 137 8.54 -14.88 -15.39
CA LYS A 137 7.97 -15.74 -14.40
C LYS A 137 6.51 -15.40 -14.16
N TYR A 138 6.02 -14.30 -14.67
CA TYR A 138 4.60 -14.03 -14.54
C TYR A 138 3.79 -15.05 -15.29
N ASP A 139 2.65 -15.45 -14.72
CA ASP A 139 1.68 -16.20 -15.48
C ASP A 139 0.26 -15.80 -15.09
N ASN A 140 -0.67 -16.20 -15.93
CA ASN A 140 -2.06 -15.78 -15.86
C ASN A 140 -2.75 -16.29 -14.60
N SER A 141 -2.12 -17.14 -13.79
CA SER A 141 -2.78 -17.53 -12.54
C SER A 141 -2.75 -16.42 -11.46
N LEU A 142 -2.02 -15.35 -11.78
CA LEU A 142 -1.75 -14.26 -10.78
C LEU A 142 -2.65 -13.12 -11.01
N LYS A 143 -3.61 -12.94 -10.11
CA LYS A 143 -4.56 -11.88 -10.15
C LYS A 143 -4.02 -10.53 -9.54
N ILE A 144 -3.10 -10.66 -8.62
CA ILE A 144 -2.51 -9.55 -7.83
C ILE A 144 -1.01 -9.69 -7.82
N VAL A 145 -0.35 -8.74 -8.50
CA VAL A 145 1.13 -8.74 -8.58
C VAL A 145 1.73 -7.37 -8.08
N SER A 146 3.04 -7.38 -7.81
CA SER A 146 3.82 -6.17 -7.40
C SER A 146 4.93 -5.89 -8.41
N ASN A 147 5.17 -4.60 -8.66
CA ASN A 147 6.27 -4.23 -9.54
C ASN A 147 7.54 -3.90 -8.75
N ALA A 148 7.54 -4.39 -7.53
CA ALA A 148 8.63 -4.21 -6.59
C ALA A 148 8.79 -2.68 -6.31
N SER A 149 9.95 -2.32 -5.78
CA SER A 149 10.27 -0.89 -5.52
C SER A 149 11.19 -0.29 -6.59
N CYS A 150 11.29 1.04 -6.56
CA CYS A 150 12.20 1.77 -7.42
C CYS A 150 13.65 1.27 -7.22
N THR A 151 14.02 1.04 -5.97
CA THR A 151 15.34 0.60 -5.65
C THR A 151 15.63 -0.78 -6.13
N THR A 152 14.64 -1.67 -6.00
CA THR A 152 14.82 -3.01 -6.53
C THR A 152 14.99 -3.11 -8.03
N ASN A 153 14.20 -2.30 -8.73
CA ASN A 153 14.32 -2.12 -10.19
C ASN A 153 15.67 -1.59 -10.64
N CYS A 154 16.33 -0.83 -9.77
CA CYS A 154 17.70 -0.36 -10.02
C CYS A 154 18.73 -1.41 -9.73
N LEU A 155 18.65 -2.04 -8.56
CA LEU A 155 19.62 -2.97 -8.14
C LEU A 155 19.57 -4.27 -8.91
N ALA A 156 18.37 -4.77 -9.21
CA ALA A 156 18.24 -6.12 -9.82
C ALA A 156 18.89 -6.30 -11.21
N PRO A 157 18.57 -5.46 -12.20
CA PRO A 157 19.23 -5.64 -13.50
C PRO A 157 20.79 -5.69 -13.39
N LEU A 158 21.36 -4.86 -12.53
CA LEU A 158 22.80 -4.80 -12.39
C LEU A 158 23.32 -6.06 -11.71
N ALA A 159 22.64 -6.43 -10.64
CA ALA A 159 23.05 -7.61 -9.88
C ALA A 159 22.93 -8.83 -10.77
N LYS A 160 21.94 -8.85 -11.68
CA LYS A 160 21.83 -9.97 -12.62
C LYS A 160 23.03 -10.07 -13.53
N VAL A 161 23.41 -8.96 -14.15
CA VAL A 161 24.56 -8.99 -15.03
C VAL A 161 25.84 -9.42 -14.33
N ILE A 162 26.08 -8.83 -13.18
CA ILE A 162 27.26 -9.13 -12.47
C ILE A 162 27.26 -10.59 -12.01
N HIS A 163 26.13 -11.04 -11.47
CA HIS A 163 26.02 -12.44 -11.03
C HIS A 163 26.17 -13.38 -12.22
N ASP A 164 25.43 -13.14 -13.30
CA ASP A 164 25.47 -14.04 -14.47
C ASP A 164 26.92 -14.28 -14.93
N HIS A 165 27.72 -13.23 -14.96
CA HIS A 165 29.07 -13.27 -15.48
C HIS A 165 30.17 -13.56 -14.47
N PHE A 166 30.05 -13.17 -13.20
CA PHE A 166 31.17 -13.29 -12.27
C PHE A 166 30.81 -14.05 -11.00
N GLY A 167 29.54 -14.11 -10.64
CA GLY A 167 29.17 -14.77 -9.40
C GLY A 167 29.32 -13.83 -8.20
N ILE A 168 28.20 -13.27 -7.74
CA ILE A 168 28.19 -12.50 -6.52
C ILE A 168 28.14 -13.46 -5.34
N VAL A 169 29.22 -13.49 -4.55
CA VAL A 169 29.31 -14.31 -3.33
C VAL A 169 28.45 -13.67 -2.23
N GLU A 170 28.61 -12.36 -2.08
CA GLU A 170 27.88 -11.58 -1.10
C GLU A 170 28.02 -10.09 -1.45
N GLY A 171 26.99 -9.31 -1.12
CA GLY A 171 26.93 -7.85 -1.40
C GLY A 171 26.19 -7.09 -0.31
N LEU A 172 26.63 -5.84 -0.10
CA LEU A 172 25.93 -4.86 0.74
C LEU A 172 25.64 -3.60 -0.09
N MET A 173 24.41 -3.15 0.00
CA MET A 173 23.93 -2.06 -0.82
C MET A 173 23.62 -0.86 0.05
N THR A 174 23.91 0.35 -0.46
CA THR A 174 23.27 1.58 0.01
C THR A 174 22.62 2.30 -1.12
N THR A 175 21.41 2.80 -0.93
CA THR A 175 20.85 3.77 -1.84
C THR A 175 20.81 5.19 -1.22
N VAL A 176 21.34 6.15 -1.97
CA VAL A 176 21.29 7.55 -1.54
C VAL A 176 20.12 8.05 -2.35
N HIS A 177 19.07 8.40 -1.67
CA HIS A 177 17.79 8.45 -2.29
C HIS A 177 17.16 9.80 -2.09
N ALA A 178 16.47 10.28 -3.13
CA ALA A 178 15.67 11.52 -3.09
C ALA A 178 14.61 11.39 -2.08
N ILE A 179 14.12 12.55 -1.65
CA ILE A 179 12.96 12.63 -0.77
C ILE A 179 11.66 12.22 -1.47
N THR A 180 10.70 11.71 -0.67
CA THR A 180 9.38 11.35 -1.20
C THR A 180 8.25 11.93 -0.34
N ALA A 181 7.02 11.73 -0.83
CA ALA A 181 5.83 12.17 -0.18
C ALA A 181 5.60 11.63 1.26
N THR A 182 6.23 10.52 1.64
CA THR A 182 6.06 10.03 3.04
C THR A 182 6.86 10.85 4.05
N GLN A 183 7.82 11.64 3.56
CA GLN A 183 8.60 12.45 4.43
C GLN A 183 7.88 13.76 4.82
N LYS A 184 8.51 14.50 5.71
CA LYS A 184 7.91 15.66 6.38
C LYS A 184 8.79 16.91 6.13
N THR A 185 8.12 18.05 5.93
CA THR A 185 8.81 19.32 5.63
C THR A 185 9.59 19.82 6.82
N VAL A 186 9.06 19.62 8.01
CA VAL A 186 9.77 19.93 9.25
C VAL A 186 9.51 18.75 10.21
N ASP A 187 10.31 18.71 11.25
CA ASP A 187 10.22 17.67 12.32
C ASP A 187 8.81 17.50 12.78
N GLY A 188 8.30 16.29 12.54
CA GLY A 188 6.92 15.94 12.83
C GLY A 188 6.72 14.41 12.98
N PRO A 189 5.51 13.99 13.35
CA PRO A 189 5.17 12.58 13.62
C PRO A 189 5.34 11.71 12.39
N SER A 190 6.02 10.58 12.50
CA SER A 190 6.08 9.60 11.41
C SER A 190 5.56 8.20 11.86
N GLY A 191 5.15 8.09 13.13
CA GLY A 191 4.68 6.84 13.75
C GLY A 191 5.82 5.98 14.28
N LYS A 192 5.99 4.78 13.74
CA LYS A 192 6.97 3.82 14.24
C LYS A 192 8.44 4.07 13.72
N LEU A 193 8.53 4.83 12.62
CA LEU A 193 9.77 5.03 11.86
C LEU A 193 10.29 6.46 12.18
N TRP A 194 10.99 6.58 13.31
CA TRP A 194 11.19 7.92 13.95
C TRP A 194 12.06 8.85 13.11
N ARG A 195 13.08 8.28 12.47
CA ARG A 195 13.99 9.12 11.71
C ARG A 195 13.30 9.75 10.52
N ASP A 196 12.32 9.04 9.97
CA ASP A 196 11.63 9.50 8.79
C ASP A 196 10.76 10.70 9.00
N GLY A 197 10.43 11.04 10.24
CA GLY A 197 9.60 12.22 10.50
C GLY A 197 10.42 13.52 10.61
N ARG A 198 11.76 13.40 10.58
CA ARG A 198 12.65 14.57 10.72
C ARG A 198 12.72 15.43 9.41
N GLY A 199 12.95 16.72 9.53
CA GLY A 199 12.82 17.67 8.41
C GLY A 199 13.61 17.18 7.21
N ALA A 200 12.88 17.00 6.12
CA ALA A 200 13.41 16.33 4.92
C ALA A 200 14.46 17.23 4.23
N ALA A 201 14.21 18.54 4.21
CA ALA A 201 15.14 19.46 3.49
C ALA A 201 16.38 19.75 4.26
N GLN A 202 16.39 19.40 5.54
CA GLN A 202 17.52 19.65 6.45
C GLN A 202 18.51 18.53 6.61
N ASN A 203 18.11 17.30 6.34
CA ASN A 203 18.88 16.17 6.85
C ASN A 203 19.26 15.10 5.81
N ILE A 204 20.41 14.52 6.08
CA ILE A 204 20.75 13.16 5.75
C ILE A 204 20.07 12.24 6.79
N ILE A 205 19.17 11.37 6.32
CA ILE A 205 18.31 10.53 7.18
C ILE A 205 18.55 9.02 6.87
N PRO A 206 19.15 8.26 7.80
CA PRO A 206 19.20 6.79 7.52
C PRO A 206 17.80 6.19 7.52
N ALA A 207 17.63 5.21 6.67
CA ALA A 207 16.35 4.60 6.55
C ALA A 207 16.50 3.13 6.10
N SER A 208 15.41 2.40 6.25
CA SER A 208 15.37 0.97 6.03
C SER A 208 15.02 0.75 4.60
N THR A 209 15.56 -0.31 4.02
CA THR A 209 15.09 -0.72 2.69
C THR A 209 15.08 -2.25 2.57
N GLY A 210 14.04 -2.76 1.93
CA GLY A 210 13.93 -4.22 1.64
C GLY A 210 14.46 -4.61 0.26
N ALA A 211 14.99 -3.63 -0.48
CA ALA A 211 15.39 -3.87 -1.86
C ALA A 211 16.43 -4.96 -2.03
N ALA A 212 17.44 -4.98 -1.19
CA ALA A 212 18.52 -5.96 -1.38
C ALA A 212 18.03 -7.40 -1.17
N LYS A 213 17.27 -7.62 -0.09
CA LYS A 213 16.59 -8.87 0.14
C LYS A 213 15.67 -9.19 -1.04
N ALA A 214 14.87 -8.20 -1.47
CA ALA A 214 13.93 -8.42 -2.53
C ALA A 214 14.63 -8.88 -3.80
N VAL A 215 15.88 -8.45 -4.00
CA VAL A 215 16.64 -8.92 -5.13
C VAL A 215 16.80 -10.45 -5.05
N GLY A 216 16.95 -10.97 -3.85
CA GLY A 216 17.02 -12.41 -3.67
C GLY A 216 15.75 -13.21 -3.94
N LYS A 217 14.59 -12.55 -4.01
CA LYS A 217 13.37 -13.16 -4.52
C LYS A 217 13.33 -13.13 -6.03
N VAL A 218 13.70 -11.99 -6.60
CA VAL A 218 13.61 -11.78 -8.01
C VAL A 218 14.69 -12.58 -8.74
N ILE A 219 15.83 -12.77 -8.06
CA ILE A 219 16.96 -13.53 -8.52
C ILE A 219 17.20 -14.57 -7.43
N PRO A 220 16.50 -15.71 -7.54
CA PRO A 220 16.56 -16.73 -6.50
C PRO A 220 17.98 -17.18 -6.11
N GLU A 221 18.93 -17.31 -7.05
CA GLU A 221 20.32 -17.63 -6.65
C GLU A 221 20.96 -16.64 -5.65
N LEU A 222 20.44 -15.42 -5.60
CA LEU A 222 20.96 -14.42 -4.67
C LEU A 222 20.21 -14.32 -3.39
N ASN A 223 19.30 -15.26 -3.18
CA ASN A 223 18.61 -15.29 -1.89
C ASN A 223 19.58 -15.33 -0.69
N GLY A 224 19.39 -14.42 0.24
CA GLY A 224 20.25 -14.33 1.42
C GLY A 224 21.69 -13.86 1.23
N LYS A 225 22.06 -13.45 0.01
CA LYS A 225 23.41 -13.01 -0.30
C LYS A 225 23.58 -11.46 -0.34
N LEU A 226 22.47 -10.72 -0.26
CA LEU A 226 22.48 -9.25 -0.32
C LEU A 226 21.60 -8.65 0.75
N THR A 227 22.12 -7.65 1.47
CA THR A 227 21.27 -6.79 2.26
C THR A 227 21.71 -5.32 2.12
N GLY A 228 21.03 -4.40 2.77
CA GLY A 228 21.37 -2.96 2.58
C GLY A 228 20.64 -1.98 3.43
N MET A 229 20.90 -0.68 3.21
CA MET A 229 20.19 0.40 3.88
C MET A 229 20.06 1.61 2.92
N ALA A 230 19.31 2.62 3.35
CA ALA A 230 19.16 3.86 2.61
C ALA A 230 19.58 5.10 3.39
N PHE A 231 19.93 6.15 2.63
CA PHE A 231 20.03 7.47 3.17
C PHE A 231 19.11 8.33 2.32
N ARG A 232 18.15 8.98 2.93
CA ARG A 232 17.36 9.99 2.29
C ARG A 232 18.09 11.36 2.39
N VAL A 233 18.18 12.05 1.25
CA VAL A 233 18.92 13.31 1.17
C VAL A 233 18.13 14.38 0.46
N PRO A 234 18.52 15.66 0.65
CA PRO A 234 17.63 16.75 0.23
C PRO A 234 17.65 17.05 -1.28
N THR A 235 17.34 16.05 -2.09
CA THR A 235 16.89 16.30 -3.48
C THR A 235 15.41 15.84 -3.73
N PRO A 236 14.74 16.43 -4.73
CA PRO A 236 13.37 16.16 -4.93
C PRO A 236 13.10 14.90 -5.83
N ASN A 237 14.13 14.44 -6.51
CA ASN A 237 14.03 13.29 -7.43
C ASN A 237 15.38 12.87 -7.87
N VAL A 238 15.49 11.57 -8.18
CA VAL A 238 16.64 10.83 -8.68
C VAL A 238 17.48 10.30 -7.53
N SER A 239 17.85 9.02 -7.62
CA SER A 239 18.50 8.32 -6.57
C SER A 239 19.63 7.47 -7.11
N VAL A 240 20.44 6.90 -6.24
CA VAL A 240 21.58 6.15 -6.69
C VAL A 240 21.88 4.94 -5.78
N VAL A 241 22.10 3.81 -6.43
CA VAL A 241 22.58 2.56 -5.80
C VAL A 241 24.07 2.49 -5.78
N ASP A 242 24.58 2.11 -4.62
CA ASP A 242 25.99 1.88 -4.38
C ASP A 242 26.09 0.42 -3.86
N LEU A 243 26.52 -0.48 -4.74
CA LEU A 243 26.59 -1.90 -4.40
C LEU A 243 28.04 -2.32 -4.18
N THR A 244 28.36 -2.75 -2.98
CA THR A 244 29.68 -3.25 -2.66
C THR A 244 29.62 -4.79 -2.68
N CYS A 245 30.27 -5.46 -3.61
CA CYS A 245 30.14 -6.91 -3.67
C CYS A 245 31.47 -7.63 -3.76
N ARG A 246 31.42 -8.87 -3.32
CA ARG A 246 32.52 -9.80 -3.46
C ARG A 246 32.15 -10.79 -4.57
N LEU A 247 33.11 -11.02 -5.46
CA LEU A 247 32.89 -11.82 -6.70
C LEU A 247 33.60 -13.15 -6.58
N GLU A 248 33.02 -14.17 -7.21
CA GLU A 248 33.56 -15.54 -7.22
C GLU A 248 34.74 -15.60 -8.19
N LYS A 249 34.47 -15.32 -9.46
CA LYS A 249 35.47 -15.30 -10.49
C LYS A 249 36.03 -13.91 -10.51
N PRO A 250 37.32 -13.79 -10.84
CA PRO A 250 37.99 -12.50 -10.90
C PRO A 250 37.44 -11.69 -12.04
N ALA A 251 37.21 -10.42 -11.77
CA ALA A 251 36.75 -9.48 -12.78
C ALA A 251 37.53 -8.19 -12.63
N LYS A 252 38.34 -7.89 -13.62
CA LYS A 252 38.93 -6.57 -13.74
C LYS A 252 37.85 -5.54 -14.03
N TYR A 253 38.04 -4.33 -13.50
CA TYR A 253 37.02 -3.32 -13.70
C TYR A 253 36.66 -3.11 -15.19
N ASP A 254 37.61 -3.24 -16.08
CA ASP A 254 37.34 -3.06 -17.52
C ASP A 254 36.51 -4.20 -18.02
N ASP A 255 36.68 -5.39 -17.46
CA ASP A 255 35.81 -6.51 -17.83
C ASP A 255 34.37 -6.24 -17.36
N ILE A 256 34.22 -5.69 -16.16
CA ILE A 256 32.89 -5.31 -15.65
C ILE A 256 32.28 -4.31 -16.59
N LYS A 257 33.06 -3.29 -16.92
CA LYS A 257 32.50 -2.26 -17.87
C LYS A 257 32.02 -2.88 -19.17
N LYS A 258 32.76 -3.86 -19.68
CA LYS A 258 32.44 -4.39 -21.02
C LYS A 258 31.19 -5.23 -20.94
N VAL A 259 31.13 -6.05 -19.90
CA VAL A 259 29.95 -6.88 -19.65
C VAL A 259 28.69 -6.09 -19.50
N VAL A 260 28.79 -5.01 -18.74
CA VAL A 260 27.60 -4.18 -18.46
C VAL A 260 27.20 -3.44 -19.72
N LYS A 261 28.18 -2.91 -20.43
CA LYS A 261 27.88 -2.22 -21.66
C LYS A 261 27.26 -3.22 -22.61
N GLN A 262 27.84 -4.40 -22.73
CA GLN A 262 27.22 -5.39 -23.64
C GLN A 262 25.73 -5.63 -23.29
N ALA A 263 25.46 -5.75 -21.99
CA ALA A 263 24.09 -5.97 -21.48
C ALA A 263 23.14 -4.81 -21.85
N SER A 264 23.62 -3.55 -21.73
CA SER A 264 22.79 -2.41 -22.06
C SER A 264 22.42 -2.32 -23.54
N GLU A 265 23.22 -2.95 -24.37
CA GLU A 265 23.05 -2.81 -25.79
C GLU A 265 22.21 -3.93 -26.35
N GLY A 266 22.06 -5.02 -25.61
CA GLY A 266 21.21 -6.09 -26.12
C GLY A 266 19.98 -6.36 -25.27
N PRO A 267 20.05 -7.36 -24.43
CA PRO A 267 18.75 -7.79 -23.92
C PRO A 267 18.12 -6.81 -22.87
N LEU A 268 18.95 -6.08 -22.17
CA LEU A 268 18.45 -5.17 -21.14
C LEU A 268 18.38 -3.74 -21.66
N LYS A 269 18.46 -3.57 -22.97
CA LYS A 269 18.33 -2.27 -23.55
C LYS A 269 17.00 -1.59 -23.16
N GLY A 270 17.08 -0.34 -22.68
CA GLY A 270 15.92 0.42 -22.20
C GLY A 270 15.69 0.28 -20.68
N ILE A 271 16.26 -0.78 -20.12
CA ILE A 271 16.16 -1.08 -18.71
C ILE A 271 17.46 -0.76 -17.98
N LEU A 272 18.55 -1.40 -18.40
CA LEU A 272 19.89 -1.09 -17.88
C LEU A 272 20.72 -0.25 -18.91
N GLY A 273 21.14 0.94 -18.51
CA GLY A 273 21.86 1.86 -19.34
C GLY A 273 23.30 1.80 -18.87
N TYR A 274 24.20 2.44 -19.61
CA TYR A 274 25.61 2.38 -19.35
C TYR A 274 26.17 3.75 -19.75
N THR A 275 26.99 4.32 -18.89
CA THR A 275 27.64 5.58 -19.23
C THR A 275 29.04 5.69 -18.66
N GLU A 276 29.85 6.42 -19.42
CA GLU A 276 31.18 6.80 -19.02
C GLU A 276 31.29 8.30 -18.77
N ASP A 277 30.23 9.06 -18.98
CA ASP A 277 30.27 10.50 -18.86
C ASP A 277 30.27 10.91 -17.41
N GLN A 278 30.62 12.18 -17.20
CA GLN A 278 30.79 12.80 -15.86
C GLN A 278 29.47 13.30 -15.25
N VAL A 279 28.59 12.33 -15.05
CA VAL A 279 27.20 12.63 -14.78
C VAL A 279 26.96 12.89 -13.30
N VAL A 280 25.91 13.64 -13.06
CA VAL A 280 25.39 13.87 -11.71
C VAL A 280 23.88 13.61 -11.70
N SER A 281 23.26 13.67 -10.52
CA SER A 281 21.86 13.16 -10.44
C SER A 281 20.89 13.82 -11.42
N CYS A 282 20.97 15.15 -11.57
CA CYS A 282 20.06 15.81 -12.47
C CYS A 282 20.15 15.30 -13.91
N ASP A 283 21.26 14.70 -14.36
CA ASP A 283 21.35 14.20 -15.71
C ASP A 283 20.42 13.00 -15.94
N PHE A 284 19.79 12.51 -14.87
CA PHE A 284 18.86 11.39 -14.99
C PHE A 284 17.46 11.78 -14.73
N ASN A 285 17.17 13.07 -14.61
CA ASN A 285 15.79 13.51 -14.38
C ASN A 285 14.92 13.29 -15.66
N SER A 286 13.77 12.64 -15.50
CA SER A 286 12.96 12.13 -16.57
C SER A 286 13.62 11.07 -17.46
N ASP A 287 14.65 10.37 -17.01
CA ASP A 287 15.31 9.30 -17.73
C ASP A 287 14.51 8.01 -17.43
N THR A 288 14.08 7.34 -18.47
CA THR A 288 13.23 6.12 -18.33
C THR A 288 13.91 4.81 -18.00
N HIS A 289 15.22 4.77 -17.84
CA HIS A 289 15.89 3.52 -17.48
C HIS A 289 15.53 3.10 -16.06
N SER A 290 15.60 1.80 -15.82
CA SER A 290 15.50 1.29 -14.42
C SER A 290 16.78 1.55 -13.65
N SER A 291 17.90 1.53 -14.39
CA SER A 291 19.18 1.46 -13.80
C SER A 291 20.17 1.98 -14.85
N THR A 292 21.07 2.90 -14.47
CA THR A 292 22.15 3.35 -15.38
C THR A 292 23.49 3.24 -14.70
N PHE A 293 24.30 2.27 -15.15
CA PHE A 293 25.63 2.04 -14.59
C PHE A 293 26.56 3.20 -14.92
N ASP A 294 27.25 3.68 -13.88
CA ASP A 294 28.16 4.83 -13.92
C ASP A 294 29.58 4.31 -13.85
N ALA A 295 30.19 4.11 -15.00
CA ALA A 295 31.48 3.50 -15.05
C ALA A 295 32.55 4.25 -14.27
N GLY A 296 32.54 5.56 -14.45
CA GLY A 296 33.56 6.39 -13.84
C GLY A 296 33.46 6.46 -12.34
N ALA A 297 32.26 6.32 -11.79
CA ALA A 297 32.03 6.58 -10.34
C ALA A 297 32.41 5.40 -9.45
N GLY A 298 32.34 4.15 -9.95
CA GLY A 298 32.69 2.98 -9.14
C GLY A 298 34.17 2.80 -9.00
N ILE A 299 34.58 1.83 -8.21
CA ILE A 299 35.98 1.64 -7.84
C ILE A 299 36.19 0.21 -7.36
N ALA A 300 37.30 -0.38 -7.76
CA ALA A 300 37.64 -1.69 -7.32
C ALA A 300 38.79 -1.65 -6.38
N LEU A 301 38.69 -2.38 -5.27
CA LEU A 301 39.83 -2.70 -4.45
C LEU A 301 40.72 -3.78 -5.11
N ASN A 302 40.11 -4.82 -5.66
CA ASN A 302 40.87 -5.86 -6.31
C ASN A 302 39.98 -6.60 -7.28
N ASP A 303 40.46 -7.66 -7.92
CA ASP A 303 39.63 -8.38 -8.91
C ASP A 303 38.36 -9.07 -8.35
N HIS A 304 38.26 -9.21 -7.02
CA HIS A 304 37.11 -9.84 -6.35
C HIS A 304 36.29 -8.94 -5.41
N PHE A 305 36.63 -7.66 -5.28
CA PHE A 305 35.96 -6.78 -4.32
C PHE A 305 35.78 -5.35 -4.90
N VAL A 306 34.55 -4.99 -5.26
CA VAL A 306 34.29 -3.82 -6.10
C VAL A 306 33.11 -3.05 -5.59
N LYS A 307 33.02 -1.76 -5.89
CA LYS A 307 31.89 -0.91 -5.54
C LYS A 307 31.32 -0.38 -6.84
N LEU A 308 30.07 -0.69 -7.09
CA LEU A 308 29.42 -0.41 -8.36
C LEU A 308 28.28 0.59 -8.16
N ILE A 309 28.22 1.57 -9.06
CA ILE A 309 27.34 2.69 -8.91
C ILE A 309 26.33 2.73 -10.01
N SER A 310 25.05 2.88 -9.66
CA SER A 310 23.96 2.96 -10.66
C SER A 310 22.83 3.90 -10.34
N TRP A 311 22.54 4.76 -11.32
CA TRP A 311 21.58 5.79 -11.16
C TRP A 311 20.16 5.35 -11.61
N TYR A 312 19.20 5.93 -10.95
CA TYR A 312 17.77 5.82 -11.31
C TYR A 312 16.88 6.98 -10.95
N ASP A 313 16.05 7.43 -11.92
CA ASP A 313 14.96 8.31 -11.62
C ASP A 313 13.87 7.47 -10.96
N ASN A 314 13.78 7.58 -9.63
CA ASN A 314 12.85 6.79 -8.82
C ASN A 314 11.38 6.96 -9.19
N GLU A 315 11.02 8.13 -9.68
CA GLU A 315 9.69 8.42 -10.09
C GLU A 315 9.42 7.91 -11.53
N PHE A 316 10.31 8.26 -12.47
CA PHE A 316 9.99 8.21 -13.90
C PHE A 316 10.34 6.89 -14.53
N GLY A 317 11.45 6.30 -14.08
CA GLY A 317 11.92 5.02 -14.54
C GLY A 317 10.86 4.02 -14.08
N TYR A 318 10.51 4.12 -12.79
CA TYR A 318 9.58 3.12 -12.16
C TYR A 318 8.21 3.16 -12.81
N SER A 319 7.69 4.35 -13.02
CA SER A 319 6.41 4.56 -13.67
C SER A 319 6.36 3.94 -15.08
N ASN A 320 7.43 4.11 -15.84
CA ASN A 320 7.53 3.44 -17.14
C ASN A 320 7.56 1.92 -17.01
N ARG A 321 8.20 1.40 -15.97
CA ARG A 321 8.21 -0.04 -15.73
C ARG A 321 6.84 -0.63 -15.41
N VAL A 322 5.98 0.17 -14.79
CA VAL A 322 4.62 -0.26 -14.44
C VAL A 322 3.81 -0.48 -15.73
N VAL A 323 3.90 0.47 -16.65
CA VAL A 323 3.31 0.34 -17.94
C VAL A 323 3.87 -0.87 -18.68
N ASP A 324 5.20 -1.07 -18.71
CA ASP A 324 5.82 -2.17 -19.40
C ASP A 324 5.35 -3.51 -18.82
N LEU A 325 5.30 -3.59 -17.51
CA LEU A 325 4.77 -4.81 -16.85
C LEU A 325 3.33 -5.12 -17.29
N MET A 326 2.45 -4.12 -17.26
CA MET A 326 1.09 -4.31 -17.76
C MET A 326 1.04 -4.76 -19.23
N VAL A 327 1.92 -4.25 -20.08
CA VAL A 327 1.91 -4.62 -21.46
C VAL A 327 2.27 -6.06 -21.60
N HIS A 328 3.28 -6.51 -20.84
CA HIS A 328 3.65 -7.88 -20.78
C HIS A 328 2.50 -8.80 -20.33
N MET A 329 1.92 -8.47 -19.20
CA MET A 329 0.74 -9.17 -18.67
C MET A 329 -0.34 -9.36 -19.71
N ALA A 330 -0.69 -8.28 -20.39
CA ALA A 330 -1.66 -8.30 -21.43
C ALA A 330 -1.28 -9.23 -22.56
N SER A 331 0.00 -9.34 -22.86
CA SER A 331 0.41 -10.21 -23.95
C SER A 331 0.23 -11.67 -23.60
N LYS A 332 0.26 -11.97 -22.30
CA LYS A 332 0.12 -13.31 -21.80
C LYS A 332 -1.31 -13.78 -21.69
N GLU A 333 -2.29 -12.89 -21.83
CA GLU A 333 -3.65 -13.23 -21.59
C GLU A 333 -4.15 -14.19 -22.66
N VAL B 2 1.93 29.73 36.58
CA VAL B 2 0.60 29.22 36.14
C VAL B 2 0.81 27.89 35.50
N LYS B 3 -0.04 26.93 35.79
CA LYS B 3 0.05 25.64 35.19
C LYS B 3 -0.79 25.53 33.89
N VAL B 4 -0.17 24.85 32.95
CA VAL B 4 -0.62 24.85 31.58
C VAL B 4 -0.59 23.46 30.94
N GLY B 5 -1.56 23.25 30.06
CA GLY B 5 -1.63 22.08 29.23
C GLY B 5 -1.38 22.51 27.79
N VAL B 6 -0.85 21.56 27.01
CA VAL B 6 -0.54 21.79 25.60
C VAL B 6 -1.30 20.76 24.75
N ASN B 7 -2.16 21.29 23.92
CA ASN B 7 -2.86 20.51 22.95
C ASN B 7 -2.25 20.63 21.53
N GLY B 8 -1.63 19.53 21.10
CA GLY B 8 -0.79 19.46 19.90
C GLY B 8 0.64 19.80 20.26
N PHE B 9 1.46 18.76 20.36
CA PHE B 9 2.91 18.87 20.68
C PHE B 9 3.78 18.91 19.41
N GLY B 10 3.48 19.88 18.54
CA GLY B 10 4.24 20.14 17.32
C GLY B 10 5.46 21.08 17.41
N ARG B 11 5.66 21.78 16.32
CA ARG B 11 6.69 22.79 16.32
C ARG B 11 6.40 23.78 17.45
N ILE B 12 5.20 24.39 17.44
CA ILE B 12 4.87 25.41 18.47
C ILE B 12 4.62 24.79 19.86
N GLY B 13 3.91 23.68 19.92
CA GLY B 13 3.67 22.94 21.17
C GLY B 13 4.98 22.62 21.90
N ARG B 14 5.97 22.09 21.18
CA ARG B 14 7.29 21.67 21.76
C ARG B 14 8.22 22.84 22.11
N LEU B 15 8.16 23.89 21.30
CA LEU B 15 8.95 25.05 21.55
C LEU B 15 8.28 25.93 22.59
N VAL B 16 6.96 25.96 22.64
CA VAL B 16 6.28 26.66 23.77
C VAL B 16 6.64 25.96 25.05
N THR B 17 6.74 24.64 25.01
CA THR B 17 7.18 23.82 26.18
C THR B 17 8.62 24.13 26.61
N ARG B 18 9.53 24.31 25.67
CA ARG B 18 10.92 24.68 26.02
C ARG B 18 10.97 26.11 26.56
N ALA B 19 10.19 27.01 25.96
CA ALA B 19 10.22 28.39 26.37
C ALA B 19 9.67 28.41 27.81
N ALA B 20 8.61 27.65 28.05
CA ALA B 20 8.01 27.52 29.39
C ALA B 20 9.00 27.08 30.43
N PHE B 21 9.74 26.01 30.16
CA PHE B 21 10.76 25.57 31.11
C PHE B 21 11.72 26.70 31.31
N ASN B 22 12.26 27.21 30.25
CA ASN B 22 13.15 28.33 30.34
C ASN B 22 12.69 29.66 31.10
N SER B 23 11.43 30.06 31.06
CA SER B 23 10.90 31.13 31.96
C SER B 23 10.73 30.58 33.36
N GLY B 24 10.63 31.45 34.32
CA GLY B 24 10.35 30.89 35.64
C GLY B 24 8.88 30.54 35.87
N LYS B 25 8.00 30.84 34.91
CA LYS B 25 6.68 31.32 35.34
C LYS B 25 5.51 30.53 34.78
N VAL B 26 5.80 29.58 33.91
CA VAL B 26 4.82 28.70 33.36
C VAL B 26 5.32 27.27 33.68
N ASP B 27 4.41 26.46 34.20
CA ASP B 27 4.65 25.05 34.47
C ASP B 27 3.76 24.26 33.53
N ILE B 28 4.40 23.54 32.62
CA ILE B 28 3.67 22.61 31.76
C ILE B 28 3.35 21.35 32.61
N VAL B 29 2.05 21.03 32.73
CA VAL B 29 1.60 19.88 33.56
C VAL B 29 0.85 18.78 32.76
N ALA B 30 0.37 19.12 31.56
CA ALA B 30 -0.33 18.14 30.76
C ALA B 30 -0.11 18.41 29.28
N ILE B 31 -0.02 17.32 28.51
CA ILE B 31 0.17 17.42 27.06
C ILE B 31 -0.73 16.39 26.46
N ASN B 32 -1.52 16.85 25.50
CA ASN B 32 -2.29 15.91 24.68
C ASN B 32 -1.86 15.91 23.21
N ASP B 33 -1.57 14.71 22.69
CA ASP B 33 -1.26 14.54 21.26
C ASP B 33 -1.48 13.05 20.92
N PRO B 34 -2.61 12.75 20.27
CA PRO B 34 -2.95 11.39 19.90
C PRO B 34 -2.06 10.76 18.85
N PHE B 35 -1.24 11.58 18.18
CA PHE B 35 -0.28 11.08 17.20
C PHE B 35 1.16 10.94 17.72
N ILE B 36 1.43 11.26 18.98
CA ILE B 36 2.79 11.10 19.49
C ILE B 36 2.57 10.46 20.82
N ASP B 37 2.99 9.18 20.92
CA ASP B 37 3.05 8.46 22.20
C ASP B 37 4.22 8.94 23.06
N LEU B 38 4.24 8.44 24.29
CA LEU B 38 5.10 8.91 25.36
C LEU B 38 6.61 8.81 25.09
N HIS B 39 7.08 7.64 24.68
CA HIS B 39 8.50 7.49 24.38
C HIS B 39 8.82 8.27 23.10
N TYR B 40 7.87 8.36 22.18
CA TYR B 40 8.08 9.20 20.96
C TYR B 40 8.21 10.69 21.35
N MET B 41 7.37 11.16 22.29
CA MET B 41 7.47 12.54 22.84
C MET B 41 8.83 12.82 23.39
N VAL B 42 9.45 11.83 23.98
CA VAL B 42 10.81 12.05 24.54
C VAL B 42 11.76 12.47 23.45
N TYR B 43 11.73 11.65 22.38
CA TYR B 43 12.62 11.80 21.22
C TYR B 43 12.37 13.11 20.47
N MET B 44 11.11 13.43 20.17
CA MET B 44 10.76 14.62 19.41
C MET B 44 11.13 15.89 20.19
N PHE B 45 11.07 15.83 21.53
CA PHE B 45 11.51 16.98 22.40
C PHE B 45 13.01 17.15 22.50
N GLN B 46 13.71 16.05 22.66
CA GLN B 46 15.13 16.11 22.88
C GLN B 46 15.96 16.54 21.66
N TYR B 47 15.49 16.07 20.49
CA TYR B 47 16.20 16.34 19.17
C TYR B 47 15.39 17.28 18.30
N ASP B 48 16.06 18.35 17.84
CA ASP B 48 15.36 19.34 17.05
C ASP B 48 16.31 19.75 15.94
N SER B 49 15.87 19.55 14.68
CA SER B 49 16.80 19.76 13.57
C SER B 49 17.17 21.25 13.52
N THR B 50 16.16 22.07 13.77
CA THR B 50 16.29 23.54 13.62
C THR B 50 16.91 24.22 14.84
N HIS B 51 16.48 23.86 16.04
CA HIS B 51 16.90 24.62 17.22
C HIS B 51 17.86 23.89 18.09
N GLY B 52 18.18 22.66 17.72
CA GLY B 52 19.30 21.98 18.34
C GLY B 52 18.78 21.14 19.52
N LYS B 53 19.63 20.25 20.02
CA LYS B 53 19.30 19.39 21.20
C LYS B 53 18.82 20.16 22.44
N PHE B 54 17.75 19.70 23.08
CA PHE B 54 17.27 20.30 24.34
C PHE B 54 18.45 20.35 25.35
N HIS B 55 18.80 21.51 25.91
CA HIS B 55 19.87 21.63 26.95
C HIS B 55 19.13 21.49 28.27
N GLY B 56 19.11 20.29 28.78
CA GLY B 56 18.05 19.95 29.74
C GLY B 56 17.97 18.43 29.85
N THR B 57 17.07 17.88 30.69
CA THR B 57 16.84 16.40 30.73
C THR B 57 15.38 16.07 30.34
N VAL B 58 15.23 14.96 29.60
CA VAL B 58 13.90 14.47 29.16
C VAL B 58 13.81 12.96 29.28
N LYS B 59 12.78 12.41 29.96
CA LYS B 59 12.52 10.96 29.97
C LYS B 59 11.08 10.63 30.22
N ALA B 60 10.80 9.34 30.05
CA ALA B 60 9.52 8.74 30.36
C ALA B 60 9.72 8.06 31.70
N GLU B 61 8.77 8.22 32.62
CA GLU B 61 8.83 7.56 33.94
C GLU B 61 7.44 7.38 34.49
N ASN B 62 7.12 6.14 34.85
CA ASN B 62 5.82 5.79 35.43
C ASN B 62 4.70 6.37 34.58
N GLY B 63 4.83 6.19 33.26
CA GLY B 63 3.85 6.69 32.29
C GLY B 63 3.74 8.20 32.13
N LYS B 64 4.69 8.95 32.67
CA LYS B 64 4.69 10.40 32.49
C LYS B 64 5.94 10.91 31.78
N LEU B 65 5.76 11.97 30.98
CA LEU B 65 6.88 12.67 30.36
C LEU B 65 7.54 13.52 31.45
N VAL B 66 8.82 13.30 31.72
CA VAL B 66 9.47 14.05 32.77
C VAL B 66 10.56 14.93 32.21
N ILE B 67 10.32 16.26 32.24
CA ILE B 67 11.30 17.23 31.72
C ILE B 67 11.91 18.00 32.88
N ASN B 68 13.25 17.96 32.97
CA ASN B 68 13.98 18.66 34.03
C ASN B 68 13.39 18.28 35.43
N GLY B 69 13.12 17.00 35.60
CA GLY B 69 12.57 16.49 36.84
C GLY B 69 11.08 16.74 37.01
N LYS B 70 10.44 17.55 36.18
CA LYS B 70 9.01 17.81 36.33
C LYS B 70 8.22 16.81 35.52
N ALA B 71 7.24 16.19 36.15
CA ALA B 71 6.46 15.13 35.55
C ALA B 71 5.25 15.71 34.85
N ILE B 72 4.91 15.18 33.69
CA ILE B 72 3.85 15.75 32.92
C ILE B 72 2.82 14.67 32.51
N THR B 73 1.56 14.94 32.83
CA THR B 73 0.48 14.08 32.39
C THR B 73 0.32 14.08 30.85
N ILE B 74 0.26 12.87 30.28
CA ILE B 74 0.19 12.71 28.85
C ILE B 74 -1.13 12.16 28.42
N PHE B 75 -1.85 12.93 27.64
CA PHE B 75 -3.10 12.45 27.09
C PHE B 75 -2.99 12.10 25.62
N GLN B 76 -3.92 11.27 25.14
CA GLN B 76 -3.93 10.78 23.76
C GLN B 76 -5.33 10.87 23.11
N GLU B 77 -5.96 12.02 23.22
CA GLU B 77 -7.33 12.16 22.77
C GLU B 77 -7.42 12.91 21.46
N ARG B 78 -8.08 12.33 20.47
CA ARG B 78 -8.54 13.13 19.31
C ARG B 78 -9.55 14.27 19.60
N ASP B 79 -10.52 14.07 20.50
CA ASP B 79 -11.60 15.04 20.78
C ASP B 79 -11.20 15.82 22.03
N PRO B 80 -10.91 17.14 21.89
CA PRO B 80 -10.45 17.87 23.08
C PRO B 80 -11.50 17.93 24.19
N ALA B 81 -12.78 17.80 23.81
CA ALA B 81 -13.88 17.67 24.78
C ALA B 81 -13.61 16.55 25.83
N ASN B 82 -12.87 15.48 25.41
CA ASN B 82 -12.50 14.30 26.28
C ASN B 82 -11.17 14.43 27.11
N ILE B 83 -10.53 15.58 27.08
CA ILE B 83 -9.21 15.62 27.75
C ILE B 83 -9.45 16.06 29.17
N LYS B 84 -8.90 15.30 30.13
CA LYS B 84 -9.16 15.54 31.56
C LYS B 84 -8.17 16.59 32.11
N TRP B 85 -8.26 17.81 31.60
CA TRP B 85 -7.28 18.87 31.95
C TRP B 85 -7.35 19.24 33.46
N GLY B 86 -8.58 19.44 33.91
CA GLY B 86 -8.88 19.83 35.28
C GLY B 86 -8.19 18.86 36.22
N ASP B 87 -8.52 17.57 36.07
CA ASP B 87 -7.83 16.54 36.84
C ASP B 87 -6.33 16.66 36.76
N ALA B 88 -5.81 16.92 35.56
CA ALA B 88 -4.39 17.12 35.40
C ALA B 88 -3.87 18.42 36.10
N GLY B 89 -4.75 19.39 36.34
CA GLY B 89 -4.38 20.61 37.07
C GLY B 89 -3.98 21.71 36.13
N ALA B 90 -4.30 21.51 34.85
CA ALA B 90 -4.03 22.50 33.80
C ALA B 90 -5.05 23.64 33.80
N THR B 91 -4.57 24.80 34.23
CA THR B 91 -5.37 25.98 34.34
C THR B 91 -5.63 26.65 33.00
N TYR B 92 -4.55 26.86 32.25
CA TYR B 92 -4.64 27.34 30.85
C TYR B 92 -4.22 26.24 29.85
N VAL B 93 -4.85 26.30 28.65
CA VAL B 93 -4.49 25.39 27.57
C VAL B 93 -4.01 26.18 26.32
N VAL B 94 -2.89 25.68 25.82
CA VAL B 94 -2.32 26.12 24.56
C VAL B 94 -2.83 25.21 23.46
N GLU B 95 -3.80 25.73 22.73
CA GLU B 95 -4.43 25.03 21.59
C GLU B 95 -3.48 25.25 20.37
N SER B 96 -2.53 24.33 20.23
CA SER B 96 -1.52 24.38 19.15
C SER B 96 -1.57 23.19 18.13
N THR B 97 -2.79 22.73 17.80
CA THR B 97 -2.98 21.69 16.83
C THR B 97 -3.26 22.23 15.43
N GLY B 98 -3.63 23.48 15.26
CA GLY B 98 -4.04 24.01 13.94
C GLY B 98 -5.48 23.70 13.52
N VAL B 99 -6.16 22.92 14.34
CA VAL B 99 -7.42 22.34 13.90
C VAL B 99 -8.67 22.76 14.78
N PHE B 100 -8.43 23.52 15.86
CA PHE B 100 -9.46 24.01 16.83
C PHE B 100 -9.35 25.52 17.09
N THR B 101 -9.56 26.32 16.05
CA THR B 101 -9.21 27.75 16.14
C THR B 101 -10.40 28.71 16.33
N THR B 102 -11.63 28.16 16.36
CA THR B 102 -12.86 28.95 16.53
C THR B 102 -13.17 28.85 17.99
N MET B 103 -13.87 29.86 18.53
CA MET B 103 -14.28 29.80 19.96
C MET B 103 -14.98 28.46 20.28
N GLU B 104 -15.96 28.09 19.46
CA GLU B 104 -16.73 26.84 19.67
C GLU B 104 -15.87 25.58 19.76
N LYS B 105 -14.96 25.43 18.79
CA LYS B 105 -14.04 24.29 18.78
C LYS B 105 -13.03 24.34 19.94
N ALA B 106 -12.49 25.51 20.20
CA ALA B 106 -11.44 25.72 21.23
C ALA B 106 -12.04 25.64 22.62
N GLY B 107 -13.32 26.07 22.69
CA GLY B 107 -14.15 25.98 23.93
C GLY B 107 -14.38 24.58 24.48
N ALA B 108 -14.15 23.55 23.65
CA ALA B 108 -14.22 22.14 24.12
C ALA B 108 -13.27 21.84 25.31
N HIS B 109 -12.11 22.52 25.36
CA HIS B 109 -11.17 22.37 26.48
C HIS B 109 -11.76 22.77 27.84
N LEU B 110 -12.72 23.68 27.80
CA LEU B 110 -13.44 24.06 29.06
C LEU B 110 -14.29 22.92 29.68
N LYS B 111 -14.84 22.03 28.85
CA LYS B 111 -15.55 20.85 29.34
C LYS B 111 -14.70 19.89 30.15
N GLY B 112 -13.42 19.79 29.87
CA GLY B 112 -12.53 18.99 30.71
C GLY B 112 -11.96 19.75 31.90
N GLY B 113 -12.44 20.96 32.12
CA GLY B 113 -12.11 21.67 33.33
C GLY B 113 -10.96 22.65 33.20
N ALA B 114 -10.58 22.95 31.95
CA ALA B 114 -9.62 24.00 31.71
C ALA B 114 -10.31 25.35 31.96
N LYS B 115 -9.56 26.31 32.52
CA LYS B 115 -10.09 27.67 32.78
C LYS B 115 -10.01 28.65 31.61
N ARG B 116 -8.86 28.66 30.91
CA ARG B 116 -8.69 29.54 29.74
C ARG B 116 -7.92 28.83 28.61
N VAL B 117 -8.23 29.21 27.38
CA VAL B 117 -7.57 28.66 26.19
C VAL B 117 -6.88 29.79 25.43
N ILE B 118 -5.62 29.52 25.09
CA ILE B 118 -4.83 30.37 24.21
C ILE B 118 -4.55 29.64 22.90
N ILE B 119 -5.22 30.11 21.85
CA ILE B 119 -5.14 29.52 20.55
C ILE B 119 -3.89 30.09 19.88
N SER B 120 -3.03 29.19 19.41
CA SER B 120 -1.71 29.53 18.90
C SER B 120 -1.78 29.98 17.43
N ALA B 121 -2.80 30.77 17.05
CA ALA B 121 -3.03 31.12 15.66
C ALA B 121 -4.15 32.13 15.59
N PRO B 122 -4.28 32.76 14.45
CA PRO B 122 -5.42 33.62 14.28
C PRO B 122 -6.75 32.86 14.50
N SER B 123 -7.78 33.54 15.01
CA SER B 123 -9.09 32.94 15.20
C SER B 123 -10.14 33.78 14.47
N ALA B 124 -11.11 33.09 13.87
CA ALA B 124 -12.18 33.79 13.14
C ALA B 124 -12.97 34.68 14.10
N ASP B 125 -13.00 34.30 15.38
CA ASP B 125 -13.94 34.93 16.30
C ASP B 125 -13.42 35.13 17.72
N ALA B 126 -12.44 34.35 18.19
CA ALA B 126 -11.77 34.67 19.47
C ALA B 126 -10.95 35.96 19.32
N PRO B 127 -10.94 36.83 20.36
CA PRO B 127 -10.11 38.03 20.36
C PRO B 127 -8.60 37.72 20.32
N MET B 128 -7.87 38.47 19.48
CA MET B 128 -6.43 38.29 19.20
C MET B 128 -5.57 39.33 19.88
N PHE B 129 -4.46 38.85 20.46
CA PHE B 129 -3.45 39.70 21.12
C PHE B 129 -2.04 39.60 20.53
N VAL B 130 -1.35 40.75 20.52
CA VAL B 130 0.07 40.81 20.18
C VAL B 130 0.72 41.53 21.30
N MET B 131 1.57 40.82 22.02
CA MET B 131 2.32 41.46 23.06
C MET B 131 3.06 42.71 22.55
N GLY B 132 2.96 43.76 23.33
CA GLY B 132 3.65 45.02 23.03
C GLY B 132 2.73 45.91 22.26
N VAL B 133 1.54 45.43 21.91
CA VAL B 133 0.72 46.21 20.96
C VAL B 133 -0.66 46.39 21.54
N ASN B 134 -1.31 45.30 21.90
CA ASN B 134 -2.64 45.42 22.50
C ASN B 134 -2.94 44.47 23.62
N HIS B 135 -1.94 43.85 24.24
CA HIS B 135 -2.23 42.85 25.27
C HIS B 135 -2.98 43.40 26.49
N GLU B 136 -2.78 44.70 26.74
CA GLU B 136 -3.44 45.33 27.85
C GLU B 136 -4.94 45.44 27.60
N LYS B 137 -5.40 45.24 26.37
CA LYS B 137 -6.83 45.11 26.13
C LYS B 137 -7.41 43.77 26.61
N TYR B 138 -6.59 42.85 27.10
CA TYR B 138 -7.14 41.64 27.71
C TYR B 138 -7.77 41.88 29.08
N ASP B 139 -8.96 41.31 29.33
CA ASP B 139 -9.58 41.38 30.66
C ASP B 139 -10.03 39.98 31.10
N ASN B 140 -10.37 39.82 32.37
CA ASN B 140 -10.71 38.49 32.91
C ASN B 140 -11.98 37.84 32.41
N SER B 141 -12.82 38.58 31.72
CA SER B 141 -14.01 37.99 31.13
C SER B 141 -13.66 37.03 30.01
N LEU B 142 -12.45 37.16 29.45
CA LEU B 142 -12.09 36.43 28.20
C LEU B 142 -11.47 35.07 28.48
N LYS B 143 -12.31 34.04 28.29
CA LYS B 143 -11.89 32.64 28.54
C LYS B 143 -11.14 31.98 27.35
N ILE B 144 -11.39 32.48 26.14
CA ILE B 144 -10.82 31.91 24.94
C ILE B 144 -10.18 33.09 24.16
N VAL B 145 -8.87 33.04 23.99
CA VAL B 145 -8.15 34.09 23.27
C VAL B 145 -7.24 33.49 22.19
N SER B 146 -6.78 34.36 21.30
CA SER B 146 -5.82 34.04 20.22
C SER B 146 -4.57 34.86 20.39
N ASN B 147 -3.41 34.22 20.23
CA ASN B 147 -2.10 34.95 20.13
C ASN B 147 -1.77 35.42 18.70
N ALA B 148 -2.76 35.42 17.82
CA ALA B 148 -2.55 35.84 16.45
C ALA B 148 -1.59 34.89 15.73
N SER B 149 -1.00 35.33 14.61
CA SER B 149 0.07 34.57 13.91
C SER B 149 1.48 35.10 14.14
N CYS B 150 2.45 34.26 13.81
CA CYS B 150 3.87 34.63 13.65
C CYS B 150 4.03 35.92 12.77
N THR B 151 3.37 35.96 11.64
CA THR B 151 3.49 37.13 10.82
C THR B 151 2.87 38.39 11.44
N THR B 152 1.65 38.30 11.99
CA THR B 152 1.01 39.41 12.67
C THR B 152 1.90 39.94 13.86
N ASN B 153 2.59 39.04 14.52
CA ASN B 153 3.52 39.43 15.60
C ASN B 153 4.80 40.15 15.14
N CYS B 154 5.22 39.91 13.91
CA CYS B 154 6.33 40.66 13.34
C CYS B 154 5.84 42.03 12.76
N LEU B 155 4.72 42.03 12.08
CA LEU B 155 4.23 43.24 11.43
C LEU B 155 3.75 44.28 12.43
N ALA B 156 2.95 43.83 13.40
CA ALA B 156 2.20 44.77 14.26
C ALA B 156 3.08 45.68 15.11
N PRO B 157 4.13 45.14 15.75
CA PRO B 157 5.03 46.07 16.48
C PRO B 157 5.74 47.10 15.58
N LEU B 158 6.24 46.68 14.41
CA LEU B 158 6.80 47.63 13.49
C LEU B 158 5.73 48.66 13.13
N ALA B 159 4.54 48.17 12.77
CA ALA B 159 3.50 49.11 12.32
C ALA B 159 3.08 50.07 13.45
N LYS B 160 3.01 49.59 14.69
CA LYS B 160 2.68 50.44 15.84
C LYS B 160 3.62 51.68 15.92
N VAL B 161 4.92 51.39 15.93
CA VAL B 161 5.93 52.42 15.98
C VAL B 161 5.82 53.35 14.80
N ILE B 162 5.66 52.79 13.58
CA ILE B 162 5.65 53.64 12.40
C ILE B 162 4.36 54.56 12.40
N HIS B 163 3.19 53.99 12.71
CA HIS B 163 1.96 54.73 12.71
C HIS B 163 1.96 55.83 13.76
N ASP B 164 2.35 55.47 14.99
CA ASP B 164 2.53 56.37 16.11
C ASP B 164 3.34 57.59 15.78
N HIS B 165 4.42 57.48 15.02
CA HIS B 165 5.33 58.61 14.74
C HIS B 165 5.07 59.33 13.42
N PHE B 166 4.69 58.61 12.36
CA PHE B 166 4.50 59.28 11.07
C PHE B 166 3.09 59.23 10.42
N GLY B 167 2.22 58.37 10.94
CA GLY B 167 0.91 58.06 10.33
C GLY B 167 1.03 57.15 9.12
N ILE B 168 0.55 55.92 9.24
CA ILE B 168 0.38 55.10 8.08
C ILE B 168 -0.94 55.38 7.37
N VAL B 169 -0.84 55.99 6.20
CA VAL B 169 -1.96 56.22 5.29
C VAL B 169 -2.48 54.87 4.76
N GLU B 170 -1.58 54.09 4.16
CA GLU B 170 -1.94 52.76 3.64
C GLU B 170 -0.67 51.99 3.57
N GLY B 171 -0.81 50.66 3.56
CA GLY B 171 0.35 49.78 3.46
C GLY B 171 0.02 48.43 2.84
N LEU B 172 1.01 47.87 2.15
CA LEU B 172 0.92 46.53 1.53
C LEU B 172 2.15 45.73 1.91
N MET B 173 1.87 44.54 2.42
CA MET B 173 2.87 43.72 3.07
C MET B 173 3.06 42.42 2.32
N THR B 174 4.32 41.99 2.17
CA THR B 174 4.67 40.66 1.70
C THR B 174 5.51 40.06 2.76
N THR B 175 5.20 38.85 3.12
CA THR B 175 6.14 38.05 3.91
C THR B 175 6.83 36.95 3.08
N VAL B 176 8.16 36.89 3.16
CA VAL B 176 8.94 35.81 2.53
C VAL B 176 9.23 34.85 3.68
N HIS B 177 8.56 33.69 3.62
CA HIS B 177 8.29 32.84 4.81
C HIS B 177 8.91 31.43 4.63
N ALA B 178 9.55 30.92 5.68
CA ALA B 178 10.09 29.58 5.72
C ALA B 178 8.96 28.56 5.55
N ILE B 179 9.31 27.35 5.13
CA ILE B 179 8.27 26.29 4.99
C ILE B 179 7.83 25.87 6.40
N THR B 180 6.61 25.32 6.47
CA THR B 180 6.02 24.81 7.72
C THR B 180 5.43 23.41 7.45
N ALA B 181 4.86 22.83 8.49
CA ALA B 181 4.39 21.45 8.48
C ALA B 181 3.09 21.29 7.62
N THR B 182 2.44 22.38 7.26
CA THR B 182 1.28 22.31 6.40
C THR B 182 1.65 22.01 4.95
N GLN B 183 2.92 22.18 4.61
CA GLN B 183 3.42 22.05 3.24
C GLN B 183 3.84 20.61 2.93
N LYS B 184 4.07 20.34 1.66
CA LYS B 184 4.37 18.97 1.20
C LYS B 184 5.78 18.89 0.65
N THR B 185 6.45 17.77 0.91
CA THR B 185 7.79 17.47 0.42
C THR B 185 7.90 17.36 -1.14
N VAL B 186 6.87 16.79 -1.78
CA VAL B 186 6.72 16.72 -3.23
C VAL B 186 5.33 17.11 -3.58
N ASP B 187 5.09 17.47 -4.85
CA ASP B 187 3.78 17.88 -5.37
C ASP B 187 2.69 16.90 -4.90
N GLY B 188 1.75 17.40 -4.10
CA GLY B 188 0.70 16.55 -3.53
C GLY B 188 -0.53 17.32 -3.21
N PRO B 189 -1.54 16.60 -2.67
CA PRO B 189 -2.80 17.24 -2.49
C PRO B 189 -2.73 18.17 -1.30
N SER B 190 -3.47 19.25 -1.41
CA SER B 190 -3.52 20.24 -0.37
C SER B 190 -4.90 20.97 -0.32
N GLY B 191 -5.98 20.21 -0.48
CA GLY B 191 -7.35 20.76 -0.44
C GLY B 191 -7.77 21.80 -1.51
N LYS B 192 -8.27 22.95 -1.05
CA LYS B 192 -8.72 24.08 -1.91
C LYS B 192 -7.59 25.09 -2.16
N LEU B 193 -6.55 25.01 -1.33
CA LEU B 193 -5.32 25.84 -1.50
C LEU B 193 -4.27 25.14 -2.38
N TRP B 194 -4.46 25.18 -3.70
CA TRP B 194 -3.70 24.27 -4.58
C TRP B 194 -2.18 24.51 -4.61
N ARG B 195 -1.79 25.79 -4.44
CA ARG B 195 -0.33 26.13 -4.50
C ARG B 195 0.41 25.51 -3.34
N ASP B 196 -0.30 25.38 -2.22
CA ASP B 196 0.34 24.92 -0.99
C ASP B 196 0.74 23.47 -1.00
N GLY B 197 0.21 22.73 -1.95
CA GLY B 197 0.62 21.33 -2.16
C GLY B 197 1.82 21.14 -3.00
N ARG B 198 2.26 22.18 -3.72
CA ARG B 198 3.41 21.97 -4.57
C ARG B 198 4.71 21.74 -3.74
N GLY B 199 5.66 21.01 -4.31
CA GLY B 199 6.91 20.55 -3.62
C GLY B 199 7.65 21.72 -2.96
N ALA B 200 7.69 21.69 -1.64
CA ALA B 200 8.12 22.81 -0.79
C ALA B 200 9.59 23.12 -0.93
N ALA B 201 10.43 22.12 -1.22
CA ALA B 201 11.89 22.36 -1.38
C ALA B 201 12.30 22.87 -2.75
N GLN B 202 11.40 22.80 -3.69
CA GLN B 202 11.69 23.17 -5.05
C GLN B 202 11.24 24.57 -5.40
N ASN B 203 10.27 25.10 -4.69
CA ASN B 203 9.45 26.20 -5.19
C ASN B 203 9.39 27.42 -4.30
N ILE B 204 9.25 28.57 -4.95
CA ILE B 204 8.72 29.75 -4.33
C ILE B 204 7.25 29.65 -4.59
N ILE B 205 6.43 29.77 -3.53
CA ILE B 205 4.99 29.53 -3.54
C ILE B 205 4.19 30.68 -3.04
N PRO B 206 3.42 31.35 -3.92
CA PRO B 206 2.51 32.40 -3.43
C PRO B 206 1.43 31.85 -2.46
N ALA B 207 1.20 32.53 -1.36
CA ALA B 207 0.17 32.11 -0.38
C ALA B 207 -0.56 33.30 0.21
N SER B 208 -1.72 33.00 0.77
CA SER B 208 -2.55 33.97 1.49
C SER B 208 -2.04 34.20 2.88
N THR B 209 -2.32 35.37 3.43
CA THR B 209 -2.06 35.63 4.83
C THR B 209 -3.09 36.62 5.30
N GLY B 210 -3.60 36.41 6.52
CA GLY B 210 -4.54 37.38 7.14
C GLY B 210 -3.84 38.49 7.91
N ALA B 211 -2.53 38.38 8.03
CA ALA B 211 -1.79 39.14 9.04
C ALA B 211 -1.88 40.64 8.89
N ALA B 212 -2.01 41.14 7.67
CA ALA B 212 -2.00 42.62 7.43
C ALA B 212 -3.33 43.24 7.86
N LYS B 213 -4.40 42.57 7.47
CA LYS B 213 -5.75 42.85 7.94
C LYS B 213 -5.90 42.67 9.48
N ALA B 214 -5.32 41.59 10.01
CA ALA B 214 -5.41 41.33 11.45
C ALA B 214 -4.70 42.39 12.29
N VAL B 215 -3.72 43.08 11.71
CA VAL B 215 -3.05 44.18 12.42
C VAL B 215 -4.05 45.32 12.67
N GLY B 216 -5.02 45.44 11.75
CA GLY B 216 -6.07 46.46 11.87
C GLY B 216 -7.10 46.13 12.92
N LYS B 217 -7.04 44.91 13.42
CA LYS B 217 -7.79 44.51 14.61
C LYS B 217 -6.96 44.79 15.87
N VAL B 218 -5.67 44.56 15.79
CA VAL B 218 -4.81 44.72 16.93
C VAL B 218 -4.49 46.22 17.18
N ILE B 219 -4.55 47.01 16.10
CA ILE B 219 -4.40 48.47 16.12
C ILE B 219 -5.56 49.01 15.29
N PRO B 220 -6.70 49.30 15.94
CA PRO B 220 -7.95 49.68 15.28
C PRO B 220 -7.82 50.86 14.35
N GLU B 221 -6.95 51.81 14.68
CA GLU B 221 -6.73 52.94 13.78
C GLU B 221 -6.22 52.48 12.41
N LEU B 222 -5.64 51.29 12.32
CA LEU B 222 -5.14 50.78 11.02
C LEU B 222 -6.15 49.88 10.30
N ASN B 223 -7.39 49.89 10.78
CA ASN B 223 -8.40 49.01 10.24
C ASN B 223 -8.64 49.38 8.80
N GLY B 224 -8.50 48.40 7.92
CA GLY B 224 -8.70 48.63 6.49
C GLY B 224 -7.63 49.40 5.75
N LYS B 225 -6.46 49.57 6.39
CA LYS B 225 -5.34 50.35 5.81
C LYS B 225 -4.18 49.51 5.32
N LEU B 226 -4.22 48.21 5.63
CA LEU B 226 -3.15 47.27 5.30
C LEU B 226 -3.74 45.99 4.77
N THR B 227 -3.10 45.39 3.76
CA THR B 227 -3.31 43.99 3.44
C THR B 227 -2.01 43.40 2.88
N GLY B 228 -2.02 42.15 2.45
CA GLY B 228 -0.78 41.63 1.89
C GLY B 228 -0.81 40.19 1.49
N MET B 229 0.35 39.57 1.32
CA MET B 229 0.45 38.18 0.86
C MET B 229 1.76 37.61 1.27
N ALA B 230 1.98 36.36 0.94
CA ALA B 230 3.16 35.68 1.35
C ALA B 230 3.74 34.95 0.16
N PHE B 231 5.04 34.70 0.24
CA PHE B 231 5.76 33.69 -0.52
C PHE B 231 6.42 32.70 0.41
N ARG B 232 6.10 31.43 0.20
CA ARG B 232 6.83 30.36 0.91
C ARG B 232 8.02 30.00 0.10
N VAL B 233 9.19 29.89 0.76
CA VAL B 233 10.45 29.56 0.11
C VAL B 233 11.23 28.53 0.87
N PRO B 234 12.21 27.87 0.19
CA PRO B 234 12.89 26.63 0.71
C PRO B 234 13.94 26.83 1.79
N THR B 235 13.52 27.39 2.90
CA THR B 235 14.33 27.42 4.09
C THR B 235 13.44 26.78 5.21
N PRO B 236 14.07 26.15 6.22
CA PRO B 236 13.26 25.38 7.20
C PRO B 236 12.71 26.26 8.38
N ASN B 237 13.28 27.47 8.55
CA ASN B 237 12.79 28.40 9.59
C ASN B 237 13.41 29.78 9.34
N VAL B 238 12.73 30.78 9.92
CA VAL B 238 13.03 32.25 9.80
C VAL B 238 12.42 32.83 8.54
N SER B 239 11.66 33.88 8.77
CA SER B 239 10.86 34.56 7.81
C SER B 239 11.13 36.10 7.88
N VAL B 240 10.69 36.83 6.87
CA VAL B 240 10.94 38.30 6.83
C VAL B 240 9.71 39.01 6.33
N VAL B 241 9.36 40.13 6.95
CA VAL B 241 8.31 40.95 6.50
C VAL B 241 8.90 42.07 5.63
N ASP B 242 8.19 42.40 4.58
CA ASP B 242 8.55 43.45 3.65
C ASP B 242 7.31 44.37 3.58
N LEU B 243 7.35 45.45 4.35
CA LEU B 243 6.26 46.41 4.40
C LEU B 243 6.48 47.63 3.51
N THR B 244 5.61 47.78 2.54
CA THR B 244 5.65 48.94 1.71
C THR B 244 4.53 49.86 2.17
N CYS B 245 4.88 51.02 2.69
CA CYS B 245 3.86 51.90 3.20
C CYS B 245 4.00 53.40 2.82
N ARG B 246 2.86 54.09 2.78
CA ARG B 246 2.84 55.52 2.51
C ARG B 246 2.51 56.21 3.81
N LEU B 247 3.24 57.28 4.13
CA LEU B 247 3.16 57.95 5.45
C LEU B 247 2.51 59.33 5.33
N GLU B 248 1.87 59.80 6.41
CA GLU B 248 1.27 61.15 6.39
C GLU B 248 2.36 62.17 6.59
N LYS B 249 3.04 62.10 7.72
CA LYS B 249 4.12 63.03 7.97
C LYS B 249 5.33 62.55 7.23
N PRO B 250 6.15 63.49 6.75
CA PRO B 250 7.40 63.13 6.10
C PRO B 250 8.33 62.42 7.08
N ALA B 251 9.11 61.48 6.55
CA ALA B 251 10.07 60.73 7.36
C ALA B 251 11.28 60.40 6.55
N LYS B 252 12.40 61.10 6.83
CA LYS B 252 13.67 60.70 6.25
C LYS B 252 13.92 59.28 6.79
N TYR B 253 14.59 58.46 6.00
CA TYR B 253 15.01 57.08 6.46
C TYR B 253 15.75 57.13 7.82
N ASP B 254 16.66 58.08 8.04
CA ASP B 254 17.39 58.16 9.30
C ASP B 254 16.50 58.47 10.50
N ASP B 255 15.38 59.14 10.25
CA ASP B 255 14.40 59.41 11.31
C ASP B 255 13.56 58.17 11.61
N ILE B 256 13.23 57.43 10.55
CA ILE B 256 12.62 56.10 10.78
C ILE B 256 13.62 55.25 11.62
N LYS B 257 14.89 55.16 11.22
CA LYS B 257 15.83 54.32 11.94
C LYS B 257 15.89 54.80 13.39
N LYS B 258 16.04 56.10 13.58
CA LYS B 258 16.14 56.61 14.93
C LYS B 258 14.95 56.21 15.83
N VAL B 259 13.74 56.36 15.32
CA VAL B 259 12.53 56.04 16.07
C VAL B 259 12.35 54.52 16.29
N VAL B 260 12.79 53.70 15.34
CA VAL B 260 12.69 52.25 15.59
C VAL B 260 13.75 51.85 16.63
N LYS B 261 14.97 52.36 16.52
CA LYS B 261 16.02 52.02 17.52
C LYS B 261 15.59 52.41 18.93
N GLN B 262 14.98 53.57 19.04
CA GLN B 262 14.43 54.03 20.30
C GLN B 262 13.45 53.07 20.88
N ALA B 263 12.46 52.71 20.06
CA ALA B 263 11.44 51.74 20.49
C ALA B 263 12.07 50.39 20.88
N SER B 264 13.04 49.88 20.10
CA SER B 264 13.71 48.59 20.41
C SER B 264 14.44 48.66 21.71
N GLU B 265 14.94 49.86 22.04
CA GLU B 265 15.69 50.03 23.31
C GLU B 265 14.81 50.26 24.53
N GLY B 266 13.60 50.78 24.35
CA GLY B 266 12.76 51.11 25.50
C GLY B 266 11.51 50.28 25.70
N PRO B 267 10.34 50.82 25.33
CA PRO B 267 9.11 50.09 25.64
C PRO B 267 8.89 48.81 24.81
N LEU B 268 9.63 48.62 23.70
CA LEU B 268 9.51 47.33 22.92
C LEU B 268 10.76 46.44 23.02
N LYS B 269 11.55 46.68 24.07
CA LYS B 269 12.71 45.83 24.30
C LYS B 269 12.28 44.38 24.41
N GLY B 270 12.96 43.49 23.67
CA GLY B 270 12.69 42.03 23.70
C GLY B 270 11.63 41.59 22.69
N ILE B 271 10.90 42.55 22.13
CA ILE B 271 9.82 42.33 21.20
C ILE B 271 10.17 42.83 19.81
N LEU B 272 10.52 44.10 19.74
CA LEU B 272 11.07 44.71 18.55
C LEU B 272 12.58 44.95 18.72
N GLY B 273 13.38 44.28 17.90
CA GLY B 273 14.81 44.54 17.83
C GLY B 273 15.17 45.49 16.69
N TYR B 274 16.45 45.84 16.63
CA TYR B 274 16.97 46.81 15.65
C TYR B 274 18.38 46.38 15.29
N THR B 275 18.72 46.33 14.01
CA THR B 275 20.12 46.07 13.61
C THR B 275 20.45 46.86 12.36
N GLU B 276 21.75 47.15 12.24
CA GLU B 276 22.38 47.74 11.06
C GLU B 276 23.41 46.80 10.50
N ASP B 277 23.56 45.59 11.07
CA ASP B 277 24.55 44.62 10.57
C ASP B 277 24.10 43.99 9.24
N GLN B 278 25.05 43.33 8.56
CA GLN B 278 24.84 42.79 7.22
C GLN B 278 24.32 41.35 7.41
N VAL B 279 23.14 41.28 7.99
CA VAL B 279 22.53 40.01 8.41
C VAL B 279 21.78 39.26 7.29
N VAL B 280 21.73 37.95 7.45
CA VAL B 280 20.90 37.06 6.61
C VAL B 280 19.99 36.20 7.51
N SER B 281 19.10 35.39 6.91
CA SER B 281 18.02 34.78 7.72
C SER B 281 18.59 33.93 8.87
N CYS B 282 19.70 33.24 8.63
CA CYS B 282 20.22 32.27 9.65
C CYS B 282 20.68 33.01 10.87
N ASP B 283 20.96 34.30 10.72
CA ASP B 283 21.42 35.07 11.86
C ASP B 283 20.32 35.29 12.86
N PHE B 284 19.06 34.96 12.56
CA PHE B 284 17.96 35.04 13.51
C PHE B 284 17.45 33.69 14.03
N ASN B 285 18.20 32.63 13.78
CA ASN B 285 17.69 31.32 14.17
C ASN B 285 17.77 31.19 15.69
N SER B 286 16.61 30.87 16.30
CA SER B 286 16.38 30.84 17.76
C SER B 286 16.45 32.21 18.40
N ASP B 287 16.16 33.25 17.63
CA ASP B 287 16.07 34.63 18.14
C ASP B 287 14.66 34.79 18.64
N THR B 288 14.54 35.26 19.92
CA THR B 288 13.28 35.38 20.62
C THR B 288 12.43 36.63 20.37
N HIS B 289 12.90 37.55 19.53
CA HIS B 289 12.13 38.73 19.27
C HIS B 289 10.94 38.41 18.42
N SER B 290 9.92 39.22 18.51
CA SER B 290 8.83 39.13 17.58
C SER B 290 9.20 39.71 16.20
N SER B 291 10.07 40.71 16.18
CA SER B 291 10.28 41.54 14.97
C SER B 291 11.65 42.17 15.14
N THR B 292 12.54 42.02 14.16
CA THR B 292 13.79 42.79 14.18
C THR B 292 13.97 43.62 12.92
N PHE B 293 13.88 44.93 13.05
CA PHE B 293 14.10 45.87 11.93
C PHE B 293 15.51 45.74 11.35
N ASP B 294 15.61 45.64 10.04
CA ASP B 294 16.89 45.55 9.31
C ASP B 294 17.16 46.89 8.61
N ALA B 295 17.97 47.72 9.25
CA ALA B 295 18.10 49.11 8.79
C ALA B 295 18.71 49.14 7.41
N GLY B 296 19.77 48.38 7.22
CA GLY B 296 20.42 48.28 5.93
C GLY B 296 19.58 47.76 4.75
N ALA B 297 18.61 46.91 5.01
CA ALA B 297 17.88 46.24 3.94
C ALA B 297 16.73 47.08 3.33
N GLY B 298 16.18 48.00 4.12
CA GLY B 298 15.12 48.87 3.68
C GLY B 298 15.54 49.88 2.64
N ILE B 299 14.54 50.59 2.12
CA ILE B 299 14.76 51.55 1.08
C ILE B 299 13.59 52.49 0.98
N ALA B 300 13.89 53.78 0.81
CA ALA B 300 12.85 54.82 0.68
C ALA B 300 12.89 55.35 -0.74
N LEU B 301 11.73 55.55 -1.32
CA LEU B 301 11.64 56.24 -2.60
C LEU B 301 11.67 57.75 -2.27
N ASN B 302 10.91 58.16 -1.26
CA ASN B 302 10.81 59.55 -0.81
C ASN B 302 10.39 59.57 0.65
N ASP B 303 10.12 60.77 1.21
CA ASP B 303 9.89 60.91 2.66
C ASP B 303 8.53 60.37 3.10
N HIS B 304 7.68 60.10 2.14
CA HIS B 304 6.33 59.59 2.39
C HIS B 304 6.10 58.15 1.91
N PHE B 305 7.09 57.53 1.26
CA PHE B 305 6.91 56.21 0.61
C PHE B 305 8.18 55.39 0.79
N VAL B 306 8.02 54.36 1.64
CA VAL B 306 9.14 53.54 2.11
C VAL B 306 8.85 52.02 2.11
N LYS B 307 9.93 51.26 1.99
CA LYS B 307 9.91 49.79 2.15
C LYS B 307 10.77 49.41 3.38
N LEU B 308 10.10 48.85 4.39
CA LEU B 308 10.74 48.47 5.63
C LEU B 308 10.79 46.95 5.78
N ILE B 309 11.92 46.45 6.26
CA ILE B 309 12.23 45.04 6.36
C ILE B 309 12.45 44.65 7.81
N SER B 310 11.74 43.59 8.22
CA SER B 310 11.86 43.03 9.53
C SER B 310 11.84 41.49 9.60
N TRP B 311 12.83 40.99 10.30
CA TRP B 311 13.07 39.56 10.46
C TRP B 311 12.29 38.92 11.61
N TYR B 312 12.04 37.61 11.52
CA TYR B 312 11.44 36.89 12.62
C TYR B 312 11.69 35.41 12.53
N ASP B 313 12.14 34.86 13.64
CA ASP B 313 12.09 33.43 13.84
C ASP B 313 10.59 33.06 14.11
N ASN B 314 9.93 32.58 13.05
CA ASN B 314 8.51 32.27 13.14
C ASN B 314 8.16 31.14 14.16
N GLU B 315 9.07 30.23 14.43
CA GLU B 315 8.75 29.20 15.44
C GLU B 315 9.00 29.76 16.88
N PHE B 316 10.18 30.28 17.07
CA PHE B 316 10.81 30.56 18.37
C PHE B 316 10.36 31.88 18.98
N GLY B 317 10.23 32.90 18.15
CA GLY B 317 9.73 34.17 18.59
C GLY B 317 8.30 34.05 19.02
N TYR B 318 7.47 33.48 18.15
CA TYR B 318 6.03 33.31 18.45
C TYR B 318 5.82 32.49 19.74
N SER B 319 6.66 31.45 19.91
CA SER B 319 6.55 30.50 21.03
C SER B 319 6.76 31.22 22.37
N ASN B 320 7.79 32.04 22.37
CA ASN B 320 8.05 32.92 23.51
C ASN B 320 6.92 33.92 23.76
N ARG B 321 6.31 34.50 22.72
CA ARG B 321 5.16 35.37 22.88
C ARG B 321 3.97 34.65 23.52
N VAL B 322 3.75 33.39 23.17
CA VAL B 322 2.66 32.62 23.78
C VAL B 322 2.84 32.51 25.32
N VAL B 323 4.05 32.17 25.73
CA VAL B 323 4.35 32.16 27.13
C VAL B 323 4.08 33.54 27.77
N ASP B 324 4.62 34.60 27.17
CA ASP B 324 4.46 35.96 27.68
C ASP B 324 3.01 36.34 27.87
N LEU B 325 2.15 35.97 26.90
CA LEU B 325 0.72 36.31 26.99
C LEU B 325 0.10 35.62 28.19
N MET B 326 0.46 34.36 28.38
CA MET B 326 -0.05 33.57 29.49
C MET B 326 0.39 34.13 30.84
N VAL B 327 1.64 34.58 30.91
CA VAL B 327 2.12 35.26 32.13
C VAL B 327 1.27 36.52 32.42
N HIS B 328 1.08 37.33 31.42
CA HIS B 328 0.27 38.51 31.51
C HIS B 328 -1.13 38.18 31.95
N MET B 329 -1.71 37.16 31.35
CA MET B 329 -3.09 36.77 31.67
C MET B 329 -3.16 36.31 33.13
N ALA B 330 -2.14 35.55 33.51
CA ALA B 330 -2.04 34.97 34.87
C ALA B 330 -1.99 36.09 35.90
N SER B 331 -1.23 37.14 35.60
CA SER B 331 -1.06 38.21 36.56
C SER B 331 -2.32 39.10 36.66
N LYS B 332 -3.17 39.13 35.64
CA LYS B 332 -4.48 39.81 35.72
C LYS B 332 -5.59 39.04 36.48
N GLU B 333 -5.40 37.75 36.77
CA GLU B 333 -6.43 36.90 37.37
C GLU B 333 -6.76 37.45 38.73
N VAL C 2 -11.80 -22.67 8.80
CA VAL C 2 -12.06 -21.70 7.72
C VAL C 2 -13.52 -21.73 7.29
N LYS C 3 -14.08 -20.58 7.01
CA LYS C 3 -15.43 -20.45 6.55
C LYS C 3 -15.59 -20.54 5.01
N VAL C 4 -16.59 -21.33 4.59
CA VAL C 4 -16.72 -21.71 3.18
C VAL C 4 -18.10 -21.48 2.66
N GLY C 5 -18.14 -20.99 1.45
CA GLY C 5 -19.39 -20.90 0.66
C GLY C 5 -19.37 -21.94 -0.47
N VAL C 6 -20.55 -22.51 -0.79
CA VAL C 6 -20.71 -23.50 -1.88
C VAL C 6 -21.57 -22.91 -2.96
N ASN C 7 -21.03 -22.86 -4.17
CA ASN C 7 -21.79 -22.45 -5.31
C ASN C 7 -22.18 -23.66 -6.13
N GLY C 8 -23.47 -23.98 -6.15
CA GLY C 8 -23.94 -25.25 -6.78
C GLY C 8 -24.00 -26.38 -5.78
N PHE C 9 -25.19 -26.56 -5.24
CA PHE C 9 -25.41 -27.51 -4.17
C PHE C 9 -25.83 -28.81 -4.84
N GLY C 10 -24.94 -29.38 -5.66
CA GLY C 10 -25.28 -30.66 -6.37
C GLY C 10 -24.68 -31.88 -5.74
N ARG C 11 -24.32 -32.86 -6.58
CA ARG C 11 -23.68 -34.05 -6.02
C ARG C 11 -22.46 -33.60 -5.25
N ILE C 12 -21.59 -32.82 -5.89
CA ILE C 12 -20.33 -32.41 -5.21
C ILE C 12 -20.56 -31.37 -4.13
N GLY C 13 -21.34 -30.37 -4.45
CA GLY C 13 -21.65 -29.38 -3.44
C GLY C 13 -22.26 -29.94 -2.16
N ARG C 14 -23.25 -30.82 -2.26
CA ARG C 14 -23.78 -31.45 -1.06
C ARG C 14 -22.85 -32.39 -0.36
N LEU C 15 -22.05 -33.17 -1.12
CA LEU C 15 -21.18 -34.09 -0.48
C LEU C 15 -19.99 -33.37 0.14
N VAL C 16 -19.62 -32.29 -0.47
CA VAL C 16 -18.55 -31.45 0.23
C VAL C 16 -19.10 -30.90 1.59
N THR C 17 -20.36 -30.46 1.57
CA THR C 17 -21.07 -30.03 2.77
C THR C 17 -21.06 -31.13 3.78
N ARG C 18 -21.40 -32.37 3.40
CA ARG C 18 -21.30 -33.45 4.35
C ARG C 18 -19.95 -33.68 4.90
N ALA C 19 -18.97 -33.70 4.00
CA ALA C 19 -17.63 -33.92 4.39
C ALA C 19 -17.13 -32.78 5.33
N ALA C 20 -17.56 -31.56 5.12
CA ALA C 20 -17.11 -30.47 5.98
C ALA C 20 -17.70 -30.58 7.37
N PHE C 21 -18.97 -31.01 7.47
CA PHE C 21 -19.61 -31.23 8.77
C PHE C 21 -18.97 -32.38 9.49
N ASN C 22 -18.44 -33.32 8.76
CA ASN C 22 -17.68 -34.39 9.37
C ASN C 22 -16.16 -34.02 9.72
N SER C 23 -15.54 -33.06 9.05
CA SER C 23 -14.21 -32.64 9.46
C SER C 23 -14.38 -31.67 10.63
N GLY C 24 -13.38 -31.54 11.42
CA GLY C 24 -13.54 -30.46 12.41
C GLY C 24 -13.33 -29.07 11.81
N LYS C 25 -13.09 -28.97 10.51
CA LYS C 25 -12.13 -27.91 10.08
C LYS C 25 -12.56 -26.91 9.03
N VAL C 26 -13.66 -27.25 8.37
CA VAL C 26 -14.27 -26.34 7.45
C VAL C 26 -15.69 -26.05 7.92
N ASP C 27 -16.11 -24.78 7.88
CA ASP C 27 -17.45 -24.37 8.29
C ASP C 27 -18.16 -23.83 7.12
N ILE C 28 -19.19 -24.59 6.70
CA ILE C 28 -20.05 -24.12 5.62
C ILE C 28 -20.98 -23.02 6.16
N VAL C 29 -20.95 -21.81 5.58
CA VAL C 29 -21.70 -20.69 6.12
C VAL C 29 -22.63 -20.12 5.13
N ALA C 30 -22.49 -20.53 3.89
CA ALA C 30 -23.35 -20.05 2.84
C ALA C 30 -23.44 -20.98 1.63
N ILE C 31 -24.60 -20.98 0.95
CA ILE C 31 -24.84 -21.82 -0.23
C ILE C 31 -25.63 -21.05 -1.20
N ASN C 32 -25.19 -21.01 -2.44
CA ASN C 32 -25.94 -20.47 -3.52
C ASN C 32 -26.33 -21.54 -4.55
N ASP C 33 -27.60 -21.58 -4.87
CA ASP C 33 -28.11 -22.42 -5.97
C ASP C 33 -29.46 -21.88 -6.39
N PRO C 34 -29.52 -21.17 -7.54
CA PRO C 34 -30.81 -20.59 -7.96
C PRO C 34 -31.84 -21.63 -8.38
N PHE C 35 -31.50 -22.91 -8.48
CA PHE C 35 -32.46 -23.95 -8.85
C PHE C 35 -32.92 -24.84 -7.68
N ILE C 36 -32.44 -24.55 -6.47
CA ILE C 36 -32.85 -25.25 -5.28
C ILE C 36 -33.17 -24.24 -4.14
N ASP C 37 -34.45 -23.97 -3.93
CA ASP C 37 -34.89 -23.10 -2.81
C ASP C 37 -34.59 -23.74 -1.43
N LEU C 38 -34.72 -22.95 -0.38
CA LEU C 38 -34.34 -23.35 0.94
C LEU C 38 -34.95 -24.66 1.46
N HIS C 39 -36.29 -24.81 1.39
CA HIS C 39 -36.92 -26.03 1.86
C HIS C 39 -36.55 -27.24 0.97
N TYR C 40 -36.39 -27.00 -0.32
CA TYR C 40 -35.84 -28.04 -1.21
C TYR C 40 -34.40 -28.49 -0.84
N MET C 41 -33.55 -27.57 -0.37
CA MET C 41 -32.22 -27.92 0.07
C MET C 41 -32.28 -28.86 1.22
N VAL C 42 -33.21 -28.61 2.12
CA VAL C 42 -33.36 -29.52 3.27
C VAL C 42 -33.56 -30.99 2.84
N TYR C 43 -34.45 -31.16 1.89
CA TYR C 43 -34.81 -32.48 1.38
C TYR C 43 -33.63 -33.10 0.61
N MET C 44 -32.99 -32.32 -0.23
CA MET C 44 -31.91 -32.83 -1.11
C MET C 44 -30.69 -33.18 -0.26
N PHE C 45 -30.44 -32.43 0.81
CA PHE C 45 -29.34 -32.75 1.69
C PHE C 45 -29.61 -33.98 2.58
N GLN C 46 -30.84 -34.09 3.05
CA GLN C 46 -31.19 -35.16 3.99
C GLN C 46 -31.25 -36.51 3.34
N TYR C 47 -31.83 -36.58 2.16
CA TYR C 47 -31.92 -37.88 1.50
C TYR C 47 -30.95 -37.99 0.35
N ASP C 48 -30.30 -39.12 0.22
CA ASP C 48 -29.27 -39.31 -0.84
C ASP C 48 -29.38 -40.78 -1.34
N SER C 49 -29.75 -40.96 -2.60
CA SER C 49 -29.93 -42.34 -3.12
C SER C 49 -28.66 -43.14 -3.01
N THR C 50 -27.50 -42.47 -3.17
CA THR C 50 -26.27 -43.19 -3.29
C THR C 50 -25.59 -43.38 -1.91
N HIS C 51 -25.54 -42.33 -1.09
CA HIS C 51 -24.77 -42.34 0.16
C HIS C 51 -25.65 -42.47 1.42
N GLY C 52 -26.96 -42.50 1.25
CA GLY C 52 -27.85 -42.85 2.37
C GLY C 52 -28.23 -41.55 3.07
N LYS C 53 -29.18 -41.66 3.96
CA LYS C 53 -29.72 -40.51 4.66
C LYS C 53 -28.66 -39.79 5.55
N PHE C 54 -28.69 -38.48 5.63
CA PHE C 54 -27.70 -37.72 6.43
C PHE C 54 -27.84 -38.14 7.89
N HIS C 55 -26.75 -38.43 8.59
CA HIS C 55 -26.76 -38.73 10.01
C HIS C 55 -26.53 -37.40 10.73
N GLY C 56 -27.58 -36.69 11.03
CA GLY C 56 -27.43 -35.43 11.68
C GLY C 56 -28.75 -34.78 11.48
N THR C 57 -28.83 -33.49 11.77
CA THR C 57 -30.05 -32.78 11.69
C THR C 57 -29.96 -31.76 10.60
N VAL C 58 -31.05 -31.62 9.87
CA VAL C 58 -31.17 -30.59 8.83
C VAL C 58 -32.53 -30.00 8.90
N LYS C 59 -32.66 -28.69 8.90
CA LYS C 59 -33.98 -28.10 8.81
C LYS C 59 -33.88 -26.71 8.33
N ALA C 60 -35.01 -26.11 7.95
CA ALA C 60 -35.09 -24.68 7.57
C ALA C 60 -35.55 -23.89 8.83
N GLU C 61 -34.91 -22.73 9.09
CA GLU C 61 -35.24 -21.90 10.26
C GLU C 61 -34.87 -20.45 10.00
N ASN C 62 -35.87 -19.57 10.08
CA ASN C 62 -35.66 -18.14 9.94
C ASN C 62 -34.95 -17.86 8.67
N GLY C 63 -35.30 -18.59 7.63
CA GLY C 63 -34.77 -18.34 6.29
C GLY C 63 -33.36 -18.85 6.02
N LYS C 64 -32.81 -19.54 6.99
CA LYS C 64 -31.52 -20.15 6.87
C LYS C 64 -31.65 -21.70 6.82
N LEU C 65 -30.62 -22.37 6.29
CA LEU C 65 -30.53 -23.81 6.30
C LEU C 65 -29.72 -24.15 7.53
N VAL C 66 -30.22 -25.04 8.36
CA VAL C 66 -29.56 -25.31 9.62
C VAL C 66 -29.22 -26.75 9.70
N ILE C 67 -27.91 -27.00 9.68
CA ILE C 67 -27.38 -28.33 9.69
C ILE C 67 -26.57 -28.51 10.92
N ASN C 68 -26.86 -29.58 11.65
CA ASN C 68 -26.30 -29.84 12.96
C ASN C 68 -26.28 -28.61 13.87
N GLY C 69 -27.37 -27.86 13.82
CA GLY C 69 -27.48 -26.61 14.57
C GLY C 69 -26.74 -25.41 13.98
N LYS C 70 -26.06 -25.53 12.83
CA LYS C 70 -25.34 -24.37 12.30
C LYS C 70 -26.11 -23.77 11.15
N ALA C 71 -26.35 -22.48 11.25
CA ALA C 71 -27.16 -21.76 10.35
C ALA C 71 -26.34 -21.33 9.16
N ILE C 72 -26.90 -21.53 7.97
CA ILE C 72 -26.23 -21.22 6.73
C ILE C 72 -27.10 -20.30 5.90
N THR C 73 -26.48 -19.23 5.41
CA THR C 73 -27.15 -18.30 4.50
C THR C 73 -27.31 -18.89 3.15
N ILE C 74 -28.48 -18.67 2.55
CA ILE C 74 -28.81 -19.28 1.31
C ILE C 74 -29.03 -18.17 0.30
N PHE C 75 -28.34 -18.25 -0.82
CA PHE C 75 -28.55 -17.37 -1.91
C PHE C 75 -29.17 -18.08 -3.08
N GLN C 76 -29.77 -17.29 -3.97
CA GLN C 76 -30.51 -17.76 -5.12
C GLN C 76 -30.17 -16.97 -6.38
N GLU C 77 -28.87 -16.92 -6.70
CA GLU C 77 -28.33 -16.10 -7.79
C GLU C 77 -27.80 -16.86 -8.96
N ARG C 78 -28.23 -16.54 -10.17
CA ARG C 78 -27.67 -17.12 -11.37
C ARG C 78 -26.26 -16.64 -11.61
N ASP C 79 -26.05 -15.35 -11.32
CA ASP C 79 -24.77 -14.72 -11.66
C ASP C 79 -23.94 -14.65 -10.41
N PRO C 80 -22.78 -15.39 -10.38
CA PRO C 80 -21.93 -15.40 -9.21
C PRO C 80 -21.44 -14.01 -8.83
N ALA C 81 -21.36 -13.07 -9.78
CA ALA C 81 -20.97 -11.69 -9.41
C ALA C 81 -21.94 -11.04 -8.41
N ASN C 82 -23.20 -11.52 -8.35
CA ASN C 82 -24.28 -11.03 -7.46
C ASN C 82 -24.39 -11.66 -6.07
N ILE C 83 -23.56 -12.64 -5.78
CA ILE C 83 -23.65 -13.35 -4.50
C ILE C 83 -22.86 -12.63 -3.43
N LYS C 84 -23.49 -12.34 -2.30
CA LYS C 84 -22.84 -11.52 -1.28
C LYS C 84 -22.04 -12.38 -0.34
N TRP C 85 -21.05 -13.10 -0.88
CA TRP C 85 -20.27 -13.97 -0.02
C TRP C 85 -19.64 -13.23 1.17
N GLY C 86 -19.14 -12.02 0.89
CA GLY C 86 -18.40 -11.28 1.97
C GLY C 86 -19.34 -11.00 3.13
N ASP C 87 -20.53 -10.52 2.80
CA ASP C 87 -21.55 -10.27 3.86
C ASP C 87 -21.86 -11.48 4.67
N ALA C 88 -21.89 -12.65 4.04
CA ALA C 88 -22.18 -13.87 4.79
C ALA C 88 -20.96 -14.45 5.44
N GLY C 89 -19.76 -13.94 5.16
CA GLY C 89 -18.60 -14.44 5.86
C GLY C 89 -17.92 -15.65 5.17
N ALA C 90 -18.24 -15.86 3.91
CA ALA C 90 -17.69 -17.03 3.18
C ALA C 90 -16.31 -16.64 2.63
N THR C 91 -15.23 -17.06 3.30
CA THR C 91 -13.84 -16.75 2.95
C THR C 91 -13.40 -17.45 1.65
N TYR C 92 -13.60 -18.76 1.60
CA TYR C 92 -13.35 -19.59 0.40
C TYR C 92 -14.71 -19.98 -0.21
N VAL C 93 -14.78 -19.98 -1.53
CA VAL C 93 -15.94 -20.49 -2.24
C VAL C 93 -15.55 -21.74 -3.09
N VAL C 94 -16.36 -22.79 -2.93
CA VAL C 94 -16.26 -23.99 -3.76
C VAL C 94 -17.15 -23.76 -4.92
N GLU C 95 -16.57 -23.72 -6.12
CA GLU C 95 -17.28 -23.47 -7.30
C GLU C 95 -17.59 -24.87 -7.94
N SER C 96 -18.81 -25.34 -7.66
CA SER C 96 -19.26 -26.70 -7.95
C SER C 96 -20.52 -26.73 -8.80
N THR C 97 -20.66 -25.74 -9.69
CA THR C 97 -21.78 -25.76 -10.62
C THR C 97 -21.55 -26.47 -11.92
N GLY C 98 -20.28 -26.63 -12.32
CA GLY C 98 -19.88 -27.09 -13.61
C GLY C 98 -19.91 -26.06 -14.74
N VAL C 99 -20.28 -24.84 -14.45
CA VAL C 99 -20.47 -23.90 -15.54
C VAL C 99 -19.53 -22.63 -15.41
N PHE C 100 -18.68 -22.61 -14.42
CA PHE C 100 -17.74 -21.46 -14.22
C PHE C 100 -16.32 -21.98 -13.93
N THR C 101 -15.73 -22.69 -14.88
CA THR C 101 -14.49 -23.43 -14.60
C THR C 101 -13.21 -22.72 -15.04
N THR C 102 -13.38 -21.59 -15.73
CA THR C 102 -12.24 -20.77 -16.14
C THR C 102 -11.92 -19.74 -15.07
N MET C 103 -10.70 -19.21 -15.08
CA MET C 103 -10.42 -18.13 -14.06
C MET C 103 -11.34 -16.93 -14.25
N GLU C 104 -11.67 -16.60 -15.49
CA GLU C 104 -12.54 -15.43 -15.74
C GLU C 104 -13.92 -15.65 -15.15
N LYS C 105 -14.51 -16.82 -15.41
CA LYS C 105 -15.83 -17.07 -14.83
C LYS C 105 -15.83 -17.26 -13.31
N ALA C 106 -14.90 -18.08 -12.86
CA ALA C 106 -14.86 -18.36 -11.45
C ALA C 106 -14.44 -17.14 -10.62
N GLY C 107 -13.66 -16.24 -11.23
CA GLY C 107 -13.30 -15.00 -10.55
C GLY C 107 -14.44 -14.08 -10.21
N ALA C 108 -15.58 -14.26 -10.84
CA ALA C 108 -16.78 -13.53 -10.42
C ALA C 108 -17.11 -13.61 -8.94
N HIS C 109 -16.69 -14.67 -8.26
CA HIS C 109 -16.97 -14.83 -6.85
C HIS C 109 -16.16 -13.78 -6.02
N LEU C 110 -15.06 -13.37 -6.60
CA LEU C 110 -14.23 -12.37 -5.93
C LEU C 110 -14.96 -11.02 -5.95
N LYS C 111 -15.79 -10.79 -6.96
CA LYS C 111 -16.59 -9.59 -7.03
C LYS C 111 -17.57 -9.54 -5.89
N GLY C 112 -18.10 -10.67 -5.48
CA GLY C 112 -19.02 -10.65 -4.34
C GLY C 112 -18.31 -10.74 -3.03
N GLY C 113 -17.01 -10.81 -3.03
CA GLY C 113 -16.37 -10.73 -1.72
C GLY C 113 -15.70 -11.95 -1.20
N ALA C 114 -15.68 -13.03 -2.01
CA ALA C 114 -14.89 -14.23 -1.58
C ALA C 114 -13.46 -13.83 -1.57
N LYS C 115 -12.68 -14.48 -0.75
CA LYS C 115 -11.22 -14.31 -0.80
C LYS C 115 -10.48 -15.23 -1.72
N ARG C 116 -10.86 -16.51 -1.76
CA ARG C 116 -10.25 -17.46 -2.72
C ARG C 116 -11.37 -18.38 -3.23
N VAL C 117 -11.10 -18.98 -4.40
CA VAL C 117 -12.06 -19.87 -5.06
C VAL C 117 -11.40 -21.20 -5.38
N ILE C 118 -12.09 -22.31 -5.05
CA ILE C 118 -11.70 -23.65 -5.37
C ILE C 118 -12.68 -24.25 -6.40
N ILE C 119 -12.23 -24.47 -7.62
CA ILE C 119 -13.10 -24.92 -8.71
C ILE C 119 -13.09 -26.48 -8.54
N SER C 120 -14.27 -27.08 -8.46
CA SER C 120 -14.40 -28.50 -8.20
C SER C 120 -14.33 -29.31 -9.51
N ALA C 121 -13.42 -28.95 -10.42
CA ALA C 121 -13.27 -29.53 -11.72
C ALA C 121 -11.96 -29.02 -12.36
N PRO C 122 -11.50 -29.71 -13.43
CA PRO C 122 -10.36 -29.18 -14.13
C PRO C 122 -10.67 -27.78 -14.64
N SER C 123 -9.61 -27.00 -14.88
CA SER C 123 -9.75 -25.65 -15.44
C SER C 123 -8.79 -25.44 -16.61
N ALA C 124 -9.25 -24.71 -17.64
CA ALA C 124 -8.37 -24.36 -18.75
C ALA C 124 -7.15 -23.58 -18.25
N ASP C 125 -7.33 -22.75 -17.24
CA ASP C 125 -6.25 -21.89 -16.79
C ASP C 125 -5.97 -21.80 -15.31
N ALA C 126 -6.91 -22.11 -14.43
CA ALA C 126 -6.55 -22.08 -13.01
C ALA C 126 -5.66 -23.23 -12.65
N PRO C 127 -4.69 -23.00 -11.75
CA PRO C 127 -3.76 -24.02 -11.39
C PRO C 127 -4.48 -25.18 -10.72
N MET C 128 -4.07 -26.39 -11.11
CA MET C 128 -4.70 -27.65 -10.58
C MET C 128 -3.85 -28.34 -9.55
N PHE C 129 -4.50 -28.82 -8.48
CA PHE C 129 -3.85 -29.58 -7.42
C PHE C 129 -4.49 -30.91 -7.13
N VAL C 130 -3.67 -31.85 -6.75
CA VAL C 130 -4.05 -33.18 -6.33
C VAL C 130 -3.35 -33.39 -5.01
N MET C 131 -4.14 -33.54 -3.96
CA MET C 131 -3.62 -33.86 -2.63
C MET C 131 -2.80 -35.09 -2.67
N GLY C 132 -1.65 -34.99 -2.03
CA GLY C 132 -0.66 -36.05 -2.01
C GLY C 132 0.34 -36.10 -3.16
N VAL C 133 0.11 -35.29 -4.19
CA VAL C 133 0.93 -35.29 -5.36
C VAL C 133 1.61 -33.90 -5.54
N ASN C 134 0.86 -32.85 -5.64
CA ASN C 134 1.44 -31.55 -5.83
C ASN C 134 0.83 -30.43 -5.01
N HIS C 135 0.11 -30.75 -3.93
CA HIS C 135 -0.58 -29.68 -3.21
C HIS C 135 0.41 -28.73 -2.51
N GLU C 136 1.63 -29.19 -2.23
CA GLU C 136 2.72 -28.29 -1.70
C GLU C 136 3.22 -27.30 -2.71
N LYS C 137 2.77 -27.39 -3.92
CA LYS C 137 3.03 -26.34 -4.86
C LYS C 137 2.02 -25.20 -4.74
N TYR C 138 0.94 -25.35 -3.98
CA TYR C 138 0.06 -24.23 -3.77
C TYR C 138 0.79 -23.11 -3.01
N ASP C 139 0.46 -21.85 -3.30
CA ASP C 139 0.90 -20.74 -2.42
C ASP C 139 -0.09 -19.63 -2.41
N ASN C 140 0.05 -18.75 -1.42
CA ASN C 140 -0.90 -17.66 -1.20
C ASN C 140 -1.02 -16.67 -2.31
N SER C 141 -0.16 -16.74 -3.32
CA SER C 141 -0.41 -15.87 -4.49
C SER C 141 -1.62 -16.24 -5.32
N LEU C 142 -2.09 -17.47 -5.12
CA LEU C 142 -3.18 -18.06 -5.97
C LEU C 142 -4.55 -17.81 -5.40
N LYS C 143 -5.31 -16.94 -6.05
CA LYS C 143 -6.63 -16.63 -5.59
C LYS C 143 -7.74 -17.61 -6.12
N ILE C 144 -7.47 -18.23 -7.27
CA ILE C 144 -8.43 -19.12 -7.95
C ILE C 144 -7.64 -20.39 -8.30
N VAL C 145 -8.03 -21.49 -7.67
CA VAL C 145 -7.41 -22.79 -7.90
C VAL C 145 -8.49 -23.86 -8.33
N SER C 146 -8.00 -24.98 -8.85
CA SER C 146 -8.77 -26.16 -9.27
C SER C 146 -8.26 -27.38 -8.50
N ASN C 147 -9.21 -28.18 -7.98
CA ASN C 147 -8.87 -29.45 -7.41
C ASN C 147 -8.84 -30.61 -8.47
N ALA C 148 -8.74 -30.24 -9.75
CA ALA C 148 -8.62 -31.17 -10.87
C ALA C 148 -9.95 -32.00 -10.95
N SER C 149 -9.92 -33.17 -11.60
CA SER C 149 -11.13 -34.01 -11.68
C SER C 149 -11.04 -35.21 -10.77
N CYS C 150 -12.15 -35.94 -10.61
CA CYS C 150 -12.15 -37.18 -9.93
C CYS C 150 -11.12 -38.16 -10.55
N THR C 151 -11.09 -38.27 -11.87
CA THR C 151 -10.18 -39.22 -12.55
C THR C 151 -8.69 -38.89 -12.32
N THR C 152 -8.38 -37.59 -12.39
CA THR C 152 -7.02 -37.13 -12.13
C THR C 152 -6.58 -37.45 -10.71
N ASN C 153 -7.48 -37.32 -9.76
CA ASN C 153 -7.22 -37.66 -8.39
C ASN C 153 -7.04 -39.12 -8.19
N CYS C 154 -7.67 -39.94 -9.03
CA CYS C 154 -7.40 -41.36 -9.00
C CYS C 154 -6.03 -41.74 -9.66
N LEU C 155 -5.82 -41.25 -10.86
CA LEU C 155 -4.63 -41.68 -11.68
C LEU C 155 -3.40 -41.12 -11.03
N ALA C 156 -3.43 -39.88 -10.66
CA ALA C 156 -2.13 -39.16 -10.28
C ALA C 156 -1.36 -39.80 -9.10
N PRO C 157 -2.09 -40.19 -8.03
CA PRO C 157 -1.33 -40.81 -6.92
C PRO C 157 -0.70 -42.11 -7.31
N LEU C 158 -1.39 -42.90 -8.12
CA LEU C 158 -0.82 -44.15 -8.53
C LEU C 158 0.34 -43.93 -9.49
N ALA C 159 0.13 -43.04 -10.44
CA ALA C 159 1.21 -42.67 -11.41
C ALA C 159 2.50 -42.17 -10.70
N LYS C 160 2.31 -41.39 -9.66
CA LYS C 160 3.41 -40.87 -8.83
C LYS C 160 4.20 -41.96 -8.21
N VAL C 161 3.54 -42.95 -7.61
CA VAL C 161 4.24 -44.04 -6.99
C VAL C 161 5.00 -44.89 -8.01
N ILE C 162 4.36 -45.18 -9.13
CA ILE C 162 4.95 -46.07 -10.14
C ILE C 162 6.09 -45.31 -10.80
N HIS C 163 5.86 -44.06 -11.14
CA HIS C 163 6.90 -43.21 -11.72
C HIS C 163 8.13 -43.06 -10.76
N ASP C 164 7.89 -42.75 -9.51
CA ASP C 164 8.96 -42.56 -8.55
C ASP C 164 9.79 -43.81 -8.40
N HIS C 165 9.17 -45.01 -8.40
CA HIS C 165 9.88 -46.25 -8.14
C HIS C 165 10.40 -47.00 -9.36
N PHE C 166 9.67 -47.00 -10.45
CA PHE C 166 10.07 -47.77 -11.63
C PHE C 166 10.34 -46.87 -12.84
N GLY C 167 9.73 -45.69 -12.90
CA GLY C 167 9.75 -44.84 -14.07
C GLY C 167 8.70 -45.24 -15.13
N ILE C 168 7.87 -44.30 -15.55
CA ILE C 168 6.94 -44.58 -16.62
C ILE C 168 7.51 -44.04 -17.92
N VAL C 169 7.76 -44.91 -18.88
CA VAL C 169 8.17 -44.48 -20.21
C VAL C 169 7.02 -43.81 -20.88
N GLU C 170 5.86 -44.50 -20.88
CA GLU C 170 4.66 -43.96 -21.54
C GLU C 170 3.43 -44.78 -21.05
N GLY C 171 2.23 -44.16 -21.04
CA GLY C 171 1.04 -44.82 -20.54
C GLY C 171 -0.20 -44.35 -21.27
N LEU C 172 -1.14 -45.28 -21.37
CA LEU C 172 -2.49 -45.00 -21.87
C LEU C 172 -3.54 -45.50 -20.88
N MET C 173 -4.49 -44.63 -20.58
CA MET C 173 -5.46 -44.85 -19.49
C MET C 173 -6.84 -44.94 -20.09
N THR C 174 -7.62 -45.88 -19.58
CA THR C 174 -9.08 -45.83 -19.73
C THR C 174 -9.70 -45.72 -18.34
N THR C 175 -10.71 -44.89 -18.21
CA THR C 175 -11.57 -44.95 -17.02
C THR C 175 -12.94 -45.52 -17.39
N VAL C 176 -13.40 -46.56 -16.68
CA VAL C 176 -14.77 -47.08 -16.77
C VAL C 176 -15.49 -46.39 -15.62
N HIS C 177 -16.37 -45.47 -16.02
CA HIS C 177 -16.85 -44.43 -15.14
C HIS C 177 -18.34 -44.47 -15.01
N ALA C 178 -18.82 -44.29 -13.80
CA ALA C 178 -20.27 -44.17 -13.51
C ALA C 178 -20.87 -43.00 -14.21
N ILE C 179 -22.16 -43.05 -14.43
CA ILE C 179 -22.88 -41.96 -15.00
C ILE C 179 -22.86 -40.76 -14.07
N THR C 180 -23.00 -39.58 -14.67
CA THR C 180 -23.14 -38.37 -13.91
C THR C 180 -24.30 -37.49 -14.40
N ALA C 181 -24.43 -36.35 -13.76
CA ALA C 181 -25.52 -35.40 -13.98
C ALA C 181 -25.52 -34.80 -15.35
N THR C 182 -24.36 -34.77 -16.03
CA THR C 182 -24.32 -34.22 -17.36
C THR C 182 -24.89 -35.17 -18.39
N GLN C 183 -25.10 -36.41 -18.03
CA GLN C 183 -25.65 -37.39 -18.94
C GLN C 183 -27.21 -37.35 -19.01
N LYS C 184 -27.79 -38.10 -19.93
CA LYS C 184 -29.23 -38.05 -20.18
C LYS C 184 -29.90 -39.40 -19.95
N THR C 185 -31.13 -39.37 -19.44
CA THR C 185 -31.85 -40.62 -19.16
C THR C 185 -32.22 -41.40 -20.42
N VAL C 186 -32.56 -40.66 -21.50
CA VAL C 186 -32.91 -41.23 -22.81
C VAL C 186 -32.15 -40.34 -23.86
N ASP C 187 -32.00 -40.89 -25.08
CA ASP C 187 -31.31 -40.22 -26.20
C ASP C 187 -31.84 -38.79 -26.33
N GLY C 188 -31.01 -37.82 -26.04
CA GLY C 188 -31.39 -36.40 -26.22
C GLY C 188 -30.17 -35.52 -26.48
N PRO C 189 -30.39 -34.21 -26.56
CA PRO C 189 -29.34 -33.31 -27.00
C PRO C 189 -28.22 -33.21 -25.96
N SER C 190 -26.98 -33.24 -26.44
CA SER C 190 -25.86 -33.11 -25.55
C SER C 190 -25.24 -31.69 -25.69
N GLY C 191 -25.19 -31.20 -26.94
CA GLY C 191 -24.32 -30.09 -27.39
C GLY C 191 -23.43 -30.51 -28.58
N LYS C 192 -22.10 -30.35 -28.43
CA LYS C 192 -21.06 -30.84 -29.43
C LYS C 192 -20.56 -32.28 -29.16
N LEU C 193 -20.83 -32.78 -27.97
CA LEU C 193 -20.31 -34.06 -27.51
C LEU C 193 -21.48 -35.04 -27.75
N TRP C 194 -21.65 -35.48 -28.98
CA TRP C 194 -22.87 -36.23 -29.36
C TRP C 194 -23.09 -37.54 -28.66
N ARG C 195 -22.02 -38.27 -28.36
CA ARG C 195 -22.22 -39.58 -27.69
C ARG C 195 -22.75 -39.36 -26.30
N ASP C 196 -22.40 -38.25 -25.64
CA ASP C 196 -22.84 -37.98 -24.24
C ASP C 196 -24.34 -37.80 -23.98
N GLY C 197 -25.10 -37.56 -25.02
CA GLY C 197 -26.51 -37.41 -24.92
C GLY C 197 -27.26 -38.72 -25.09
N ARG C 198 -26.57 -39.82 -25.44
CA ARG C 198 -27.26 -41.04 -25.66
C ARG C 198 -27.68 -41.64 -24.31
N GLY C 199 -28.76 -42.39 -24.30
CA GLY C 199 -29.35 -42.87 -23.07
C GLY C 199 -28.36 -43.55 -22.13
N ALA C 200 -28.23 -42.97 -20.93
CA ALA C 200 -27.20 -43.38 -19.97
C ALA C 200 -27.40 -44.75 -19.36
N ALA C 201 -28.61 -45.17 -19.15
CA ALA C 201 -28.84 -46.47 -18.56
C ALA C 201 -28.73 -47.62 -19.54
N GLN C 202 -28.76 -47.30 -20.81
CA GLN C 202 -28.76 -48.29 -21.87
C GLN C 202 -27.41 -48.59 -22.49
N ASN C 203 -26.42 -47.73 -22.31
CA ASN C 203 -25.30 -47.74 -23.17
C ASN C 203 -23.96 -47.74 -22.41
N ILE C 204 -22.97 -48.39 -23.02
CA ILE C 204 -21.58 -48.08 -22.85
C ILE C 204 -21.26 -46.96 -23.84
N ILE C 205 -20.77 -45.82 -23.33
CA ILE C 205 -20.60 -44.60 -24.08
C ILE C 205 -19.15 -44.14 -24.04
N PRO C 206 -18.43 -44.16 -25.19
CA PRO C 206 -17.06 -43.59 -25.21
C PRO C 206 -17.09 -42.11 -24.97
N ALA C 207 -16.16 -41.63 -24.19
CA ALA C 207 -16.08 -40.26 -23.92
C ALA C 207 -14.60 -39.81 -23.77
N SER C 208 -14.39 -38.53 -24.01
CA SER C 208 -13.06 -37.99 -23.95
C SER C 208 -12.79 -37.60 -22.51
N THR C 209 -11.51 -37.61 -22.15
CA THR C 209 -11.10 -37.18 -20.82
C THR C 209 -9.73 -36.54 -20.89
N GLY C 210 -9.58 -35.40 -20.22
CA GLY C 210 -8.24 -34.74 -20.07
C GLY C 210 -7.37 -35.23 -18.92
N ALA C 211 -7.82 -36.24 -18.17
CA ALA C 211 -7.20 -36.56 -16.88
C ALA C 211 -5.81 -37.02 -17.07
N ALA C 212 -5.56 -37.88 -18.06
CA ALA C 212 -4.18 -38.39 -18.21
C ALA C 212 -3.13 -37.31 -18.53
N LYS C 213 -3.49 -36.45 -19.49
CA LYS C 213 -2.74 -35.25 -19.80
C LYS C 213 -2.53 -34.35 -18.57
N ALA C 214 -3.60 -34.16 -17.75
CA ALA C 214 -3.52 -33.35 -16.53
C ALA C 214 -2.57 -33.89 -15.50
N VAL C 215 -2.39 -35.20 -15.53
CA VAL C 215 -1.42 -35.80 -14.66
C VAL C 215 -0.03 -35.26 -14.98
N GLY C 216 0.17 -34.92 -16.23
CA GLY C 216 1.46 -34.34 -16.68
C GLY C 216 1.61 -32.86 -16.35
N LYS C 217 0.57 -32.20 -15.92
CA LYS C 217 0.67 -30.94 -15.20
C LYS C 217 0.94 -31.09 -13.72
N VAL C 218 0.35 -32.08 -13.04
CA VAL C 218 0.55 -32.16 -11.63
C VAL C 218 1.78 -32.93 -11.32
N ILE C 219 2.23 -33.74 -12.28
CA ILE C 219 3.51 -34.46 -12.20
C ILE C 219 4.32 -34.09 -13.48
N PRO C 220 5.07 -32.97 -13.42
CA PRO C 220 5.68 -32.43 -14.64
C PRO C 220 6.58 -33.39 -15.42
N GLU C 221 7.28 -34.32 -14.77
CA GLU C 221 8.07 -35.31 -15.49
C GLU C 221 7.23 -36.19 -16.41
N LEU C 222 5.91 -36.28 -16.16
CA LEU C 222 5.02 -37.09 -17.02
C LEU C 222 4.29 -36.29 -18.07
N ASN C 223 4.68 -35.04 -18.25
CA ASN C 223 4.16 -34.21 -19.31
C ASN C 223 4.47 -34.86 -20.67
N GLY C 224 3.42 -35.02 -21.47
CA GLY C 224 3.48 -35.72 -22.76
C GLY C 224 3.60 -37.24 -22.75
N LYS C 225 3.66 -37.86 -21.58
CA LYS C 225 3.87 -39.31 -21.51
C LYS C 225 2.57 -40.16 -21.24
N LEU C 226 1.43 -39.51 -21.03
CA LEU C 226 0.16 -40.17 -20.69
C LEU C 226 -0.95 -39.52 -21.48
N THR C 227 -1.83 -40.34 -22.01
CA THR C 227 -3.13 -39.80 -22.40
C THR C 227 -4.18 -40.91 -22.15
N GLY C 228 -5.43 -40.69 -22.59
CA GLY C 228 -6.43 -41.67 -22.19
C GLY C 228 -7.84 -41.34 -22.69
N MET C 229 -8.80 -42.17 -22.32
CA MET C 229 -10.22 -41.95 -22.74
C MET C 229 -11.10 -42.54 -21.64
N ALA C 230 -12.42 -42.40 -21.81
CA ALA C 230 -13.33 -42.95 -20.83
C ALA C 230 -14.42 -43.74 -21.51
N PHE C 231 -15.00 -44.69 -20.79
CA PHE C 231 -16.32 -45.23 -21.11
C PHE C 231 -17.27 -44.94 -19.97
N ARG C 232 -18.39 -44.34 -20.29
CA ARG C 232 -19.46 -44.18 -19.31
C ARG C 232 -20.34 -45.42 -19.32
N VAL C 233 -20.62 -45.98 -18.13
CA VAL C 233 -21.40 -47.20 -18.06
C VAL C 233 -22.54 -47.06 -17.05
N PRO C 234 -23.56 -47.96 -17.10
CA PRO C 234 -24.80 -47.70 -16.31
C PRO C 234 -24.73 -48.06 -14.83
N THR C 235 -23.85 -47.39 -14.09
CA THR C 235 -23.83 -47.53 -12.66
C THR C 235 -23.96 -46.11 -12.16
N PRO C 236 -24.49 -45.93 -10.97
CA PRO C 236 -24.80 -44.56 -10.48
C PRO C 236 -23.68 -43.84 -9.78
N ASN C 237 -22.64 -44.58 -9.37
CA ASN C 237 -21.44 -44.10 -8.67
C ASN C 237 -20.41 -45.17 -8.58
N VAL C 238 -19.16 -44.73 -8.43
CA VAL C 238 -17.94 -45.55 -8.39
C VAL C 238 -17.43 -45.82 -9.78
N SER C 239 -16.14 -45.52 -9.97
CA SER C 239 -15.45 -45.62 -11.23
C SER C 239 -14.09 -46.31 -11.06
N VAL C 240 -13.44 -46.66 -12.18
CA VAL C 240 -12.20 -47.39 -12.11
C VAL C 240 -11.24 -46.92 -13.19
N VAL C 241 -9.98 -46.64 -12.78
CA VAL C 241 -8.87 -46.41 -13.75
C VAL C 241 -8.20 -47.70 -14.16
N ASP C 242 -7.93 -47.85 -15.44
CA ASP C 242 -7.20 -49.01 -16.03
C ASP C 242 -6.03 -48.32 -16.76
N LEU C 243 -4.84 -48.43 -16.18
CA LEU C 243 -3.64 -47.69 -16.68
C LEU C 243 -2.74 -48.74 -17.33
N THR C 244 -2.53 -48.60 -18.63
CA THR C 244 -1.65 -49.51 -19.34
C THR C 244 -0.34 -48.77 -19.54
N CYS C 245 0.74 -49.27 -18.93
CA CYS C 245 1.99 -48.52 -18.94
C CYS C 245 3.26 -49.37 -19.17
N ARG C 246 4.23 -48.72 -19.81
CA ARG C 246 5.53 -49.27 -20.02
C ARG C 246 6.51 -48.60 -19.02
N LEU C 247 7.25 -49.46 -18.33
CA LEU C 247 8.08 -49.05 -17.26
C LEU C 247 9.59 -49.05 -17.66
N GLU C 248 10.32 -48.15 -17.06
CA GLU C 248 11.77 -48.03 -17.29
C GLU C 248 12.48 -49.21 -16.61
N LYS C 249 12.40 -49.23 -15.29
CA LYS C 249 12.96 -50.31 -14.55
C LYS C 249 12.01 -51.53 -14.55
N PRO C 250 12.52 -52.74 -14.75
CA PRO C 250 11.69 -53.89 -14.79
C PRO C 250 11.14 -54.07 -13.41
N ALA C 251 9.95 -54.62 -13.35
CA ALA C 251 9.34 -54.88 -12.04
C ALA C 251 8.51 -56.12 -12.14
N LYS C 252 8.76 -57.12 -11.34
CA LYS C 252 7.81 -58.19 -11.25
C LYS C 252 6.55 -57.58 -10.58
N TYR C 253 5.42 -58.22 -10.82
CA TYR C 253 4.15 -57.68 -10.35
C TYR C 253 4.14 -57.65 -8.82
N ASP C 254 4.78 -58.64 -8.19
CA ASP C 254 4.85 -58.63 -6.71
C ASP C 254 5.61 -57.48 -6.13
N ASP C 255 6.61 -56.98 -6.85
CA ASP C 255 7.27 -55.80 -6.42
C ASP C 255 6.51 -54.57 -6.65
N ILE C 256 5.74 -54.53 -7.75
CA ILE C 256 4.80 -53.43 -7.91
C ILE C 256 3.84 -53.41 -6.68
N LYS C 257 3.25 -54.56 -6.39
CA LYS C 257 2.35 -54.66 -5.22
C LYS C 257 2.97 -54.15 -3.96
N LYS C 258 4.16 -54.62 -3.68
CA LYS C 258 4.90 -54.16 -2.48
C LYS C 258 5.12 -52.65 -2.34
N VAL C 259 5.52 -51.98 -3.44
CA VAL C 259 5.70 -50.54 -3.47
C VAL C 259 4.40 -49.72 -3.26
N VAL C 260 3.34 -50.15 -3.93
CA VAL C 260 2.06 -49.52 -3.78
C VAL C 260 1.56 -49.68 -2.35
N LYS C 261 1.63 -50.88 -1.81
CA LYS C 261 1.18 -51.09 -0.41
C LYS C 261 1.96 -50.23 0.54
N GLN C 262 3.27 -50.18 0.35
CA GLN C 262 4.11 -49.30 1.19
C GLN C 262 3.72 -47.85 1.08
N ALA C 263 3.50 -47.31 -0.13
CA ALA C 263 3.02 -45.97 -0.25
C ALA C 263 1.67 -45.73 0.44
N SER C 264 0.75 -46.69 0.33
CA SER C 264 -0.61 -46.53 0.92
C SER C 264 -0.60 -46.53 2.45
N GLU C 265 0.37 -47.24 3.00
CA GLU C 265 0.58 -47.31 4.44
C GLU C 265 1.32 -46.16 5.00
N GLY C 266 1.95 -45.37 4.17
CA GLY C 266 2.80 -44.31 4.68
C GLY C 266 2.48 -42.94 4.14
N PRO C 267 3.28 -42.47 3.16
CA PRO C 267 3.09 -41.09 2.73
C PRO C 267 1.76 -40.74 2.02
N LEU C 268 1.08 -41.71 1.43
CA LEU C 268 -0.20 -41.43 0.78
C LEU C 268 -1.37 -42.09 1.58
N LYS C 269 -1.13 -42.39 2.83
CA LYS C 269 -2.18 -42.95 3.73
C LYS C 269 -3.42 -42.06 3.68
N GLY C 270 -4.56 -42.66 3.38
CA GLY C 270 -5.82 -41.92 3.28
C GLY C 270 -6.14 -41.42 1.84
N ILE C 271 -5.14 -41.44 0.95
CA ILE C 271 -5.23 -40.90 -0.40
C ILE C 271 -5.25 -42.07 -1.34
N LEU C 272 -4.20 -42.88 -1.27
CA LEU C 272 -4.10 -44.10 -2.00
C LEU C 272 -4.25 -45.28 -1.07
N GLY C 273 -5.24 -46.11 -1.34
CA GLY C 273 -5.46 -47.39 -0.67
C GLY C 273 -4.85 -48.50 -1.51
N TYR C 274 -4.87 -49.66 -0.91
CA TYR C 274 -4.35 -50.91 -1.45
C TYR C 274 -5.23 -52.06 -0.99
N THR C 275 -5.69 -52.93 -1.89
CA THR C 275 -6.33 -54.15 -1.50
C THR C 275 -5.89 -55.31 -2.36
N GLU C 276 -5.90 -56.52 -1.78
CA GLU C 276 -5.85 -57.75 -2.49
C GLU C 276 -7.16 -58.51 -2.51
N ASP C 277 -8.18 -57.95 -1.90
CA ASP C 277 -9.51 -58.66 -1.83
C ASP C 277 -10.22 -58.66 -3.16
N GLN C 278 -11.27 -59.46 -3.26
CA GLN C 278 -11.91 -59.71 -4.55
C GLN C 278 -13.05 -58.74 -4.74
N VAL C 279 -12.69 -57.50 -4.88
CA VAL C 279 -13.61 -56.39 -4.75
C VAL C 279 -14.33 -56.08 -6.10
N VAL C 280 -15.47 -55.44 -5.98
CA VAL C 280 -16.24 -54.91 -7.09
C VAL C 280 -16.60 -53.51 -6.76
N SER C 281 -17.21 -52.81 -7.73
CA SER C 281 -17.38 -51.39 -7.55
C SER C 281 -18.18 -50.98 -6.32
N CYS C 282 -19.25 -51.72 -5.96
CA CYS C 282 -20.00 -51.22 -4.81
C CYS C 282 -19.18 -51.31 -3.56
N ASP C 283 -18.15 -52.10 -3.56
CA ASP C 283 -17.32 -52.13 -2.35
C ASP C 283 -16.63 -50.81 -2.04
N PHE C 284 -16.64 -49.87 -2.96
CA PHE C 284 -16.07 -48.55 -2.76
C PHE C 284 -17.08 -47.45 -2.57
N ASN C 285 -18.34 -47.80 -2.42
CA ASN C 285 -19.31 -46.75 -2.24
C ASN C 285 -19.11 -46.08 -0.88
N SER C 286 -19.01 -44.77 -0.92
CA SER C 286 -18.73 -43.92 0.24
C SER C 286 -17.31 -44.09 0.77
N ASP C 287 -16.39 -44.56 -0.06
CA ASP C 287 -15.01 -44.81 0.37
C ASP C 287 -14.32 -43.46 0.08
N THR C 288 -13.58 -42.93 1.05
CA THR C 288 -12.98 -41.58 0.95
C THR C 288 -11.58 -41.52 0.32
N HIS C 289 -11.06 -42.63 -0.14
CA HIS C 289 -9.80 -42.60 -0.85
C HIS C 289 -9.90 -41.97 -2.22
N SER C 290 -8.77 -41.42 -2.66
CA SER C 290 -8.71 -40.86 -4.03
C SER C 290 -8.55 -42.00 -5.03
N SER C 291 -7.96 -43.08 -4.57
CA SER C 291 -7.45 -44.10 -5.46
C SER C 291 -7.25 -45.34 -4.62
N THR C 292 -7.77 -46.49 -5.00
CA THR C 292 -7.47 -47.73 -4.32
C THR C 292 -7.02 -48.77 -5.32
N PHE C 293 -5.72 -49.11 -5.24
CA PHE C 293 -5.10 -50.08 -6.09
C PHE C 293 -5.68 -51.47 -5.86
N ASP C 294 -6.02 -52.17 -6.94
CA ASP C 294 -6.62 -53.51 -6.90
C ASP C 294 -5.60 -54.50 -7.37
N ALA C 295 -4.91 -55.13 -6.42
CA ALA C 295 -3.75 -55.93 -6.72
C ALA C 295 -4.15 -57.10 -7.58
N GLY C 296 -5.28 -57.74 -7.23
CA GLY C 296 -5.72 -58.93 -7.98
C GLY C 296 -6.27 -58.68 -9.39
N ALA C 297 -6.78 -57.49 -9.64
CA ALA C 297 -7.38 -57.21 -10.93
C ALA C 297 -6.35 -56.91 -12.11
N GLY C 298 -5.19 -56.37 -11.80
CA GLY C 298 -4.20 -55.99 -12.75
C GLY C 298 -3.52 -57.20 -13.34
N ILE C 299 -2.76 -56.93 -14.37
CA ILE C 299 -2.13 -58.02 -15.05
C ILE C 299 -0.87 -57.46 -15.74
N ALA C 300 0.19 -58.27 -15.72
CA ALA C 300 1.47 -57.95 -16.40
C ALA C 300 1.65 -58.84 -17.60
N LEU C 301 1.98 -58.27 -18.75
CA LEU C 301 2.44 -59.11 -19.88
C LEU C 301 3.91 -59.53 -19.60
N ASN C 302 4.68 -58.60 -19.06
CA ASN C 302 6.11 -58.81 -18.78
C ASN C 302 6.58 -57.80 -17.77
N ASP C 303 7.87 -57.86 -17.42
CA ASP C 303 8.39 -56.99 -16.43
C ASP C 303 8.37 -55.51 -16.69
N HIS C 304 8.20 -55.10 -17.95
CA HIS C 304 8.13 -53.73 -18.33
C HIS C 304 6.81 -53.23 -18.93
N PHE C 305 5.77 -54.09 -19.02
CA PHE C 305 4.48 -53.73 -19.68
C PHE C 305 3.33 -54.32 -18.87
N VAL C 306 2.58 -53.45 -18.22
CA VAL C 306 1.64 -53.88 -17.18
C VAL C 306 0.35 -53.07 -17.24
N LYS C 307 -0.72 -53.66 -16.71
CA LYS C 307 -2.05 -52.95 -16.64
C LYS C 307 -2.42 -52.93 -15.14
N LEU C 308 -2.55 -51.73 -14.63
CA LEU C 308 -2.78 -51.45 -13.24
C LEU C 308 -4.20 -50.88 -13.05
N ILE C 309 -4.87 -51.38 -12.02
CA ILE C 309 -6.28 -51.07 -11.78
C ILE C 309 -6.43 -50.38 -10.45
N SER C 310 -7.20 -49.30 -10.49
CA SER C 310 -7.52 -48.51 -9.32
C SER C 310 -8.90 -47.85 -9.26
N TRP C 311 -9.56 -48.13 -8.13
CA TRP C 311 -10.97 -47.76 -7.90
C TRP C 311 -11.05 -46.39 -7.25
N TYR C 312 -12.11 -45.69 -7.54
CA TYR C 312 -12.45 -44.46 -6.88
C TYR C 312 -13.93 -44.17 -6.87
N ASP C 313 -14.42 -43.82 -5.68
CA ASP C 313 -15.73 -43.21 -5.56
C ASP C 313 -15.61 -41.79 -6.06
N ASN C 314 -16.06 -41.57 -7.29
CA ASN C 314 -15.93 -40.30 -7.93
C ASN C 314 -16.63 -39.17 -7.24
N GLU C 315 -17.71 -39.47 -6.47
CA GLU C 315 -18.41 -38.45 -5.75
C GLU C 315 -17.72 -38.16 -4.42
N PHE C 316 -17.47 -39.22 -3.67
CA PHE C 316 -17.19 -39.10 -2.25
C PHE C 316 -15.74 -38.91 -1.93
N GLY C 317 -14.89 -39.59 -2.68
CA GLY C 317 -13.45 -39.40 -2.53
C GLY C 317 -13.06 -37.97 -2.91
N TYR C 318 -13.56 -37.54 -4.05
CA TYR C 318 -13.27 -36.20 -4.58
C TYR C 318 -13.78 -35.09 -3.64
N SER C 319 -14.97 -35.27 -3.13
CA SER C 319 -15.51 -34.29 -2.18
C SER C 319 -14.66 -34.14 -0.91
N ASN C 320 -14.23 -35.26 -0.32
CA ASN C 320 -13.29 -35.22 0.75
C ASN C 320 -11.93 -34.53 0.40
N ARG C 321 -11.47 -34.69 -0.82
CA ARG C 321 -10.29 -33.98 -1.25
C ARG C 321 -10.47 -32.47 -1.36
N VAL C 322 -11.64 -32.01 -1.76
CA VAL C 322 -11.91 -30.59 -1.82
C VAL C 322 -11.76 -29.94 -0.42
N VAL C 323 -12.29 -30.63 0.56
CA VAL C 323 -12.16 -30.23 1.90
C VAL C 323 -10.70 -30.26 2.36
N ASP C 324 -9.98 -31.35 2.13
CA ASP C 324 -8.54 -31.45 2.46
C ASP C 324 -7.73 -30.32 1.78
N LEU C 325 -8.08 -29.97 0.55
CA LEU C 325 -7.38 -28.88 -0.14
C LEU C 325 -7.60 -27.54 0.58
N MET C 326 -8.83 -27.27 0.96
CA MET C 326 -9.13 -26.02 1.65
C MET C 326 -8.50 -25.92 3.02
N VAL C 327 -8.43 -27.02 3.75
CA VAL C 327 -7.67 -27.08 4.98
C VAL C 327 -6.16 -26.74 4.80
N HIS C 328 -5.57 -27.30 3.76
CA HIS C 328 -4.21 -27.01 3.40
C HIS C 328 -4.07 -25.57 3.05
N MET C 329 -4.95 -25.03 2.23
CA MET C 329 -4.89 -23.65 1.85
C MET C 329 -4.97 -22.76 3.09
N ALA C 330 -5.92 -23.06 3.96
CA ALA C 330 -6.12 -22.25 5.18
C ALA C 330 -4.89 -22.29 6.07
N SER C 331 -4.24 -23.43 6.15
CA SER C 331 -3.03 -23.56 6.92
C SER C 331 -1.86 -22.72 6.35
N LYS C 332 -1.91 -22.35 5.07
CA LYS C 332 -0.85 -21.56 4.43
C LYS C 332 -1.02 -20.08 4.60
N GLU C 333 -2.20 -19.63 4.93
CA GLU C 333 -2.53 -18.25 4.97
C GLU C 333 -1.63 -17.57 6.01
S SO4 D . 12.41 -0.69 -0.71
O1 SO4 D . 11.41 0.37 -1.01
O2 SO4 D . 12.56 -1.76 -1.78
O3 SO4 D . 13.71 -0.01 -0.57
O4 SO4 D . 12.01 -1.38 0.56
S SO4 E . 8.30 5.74 -0.42
O1 SO4 E . 7.09 4.97 -0.06
O2 SO4 E . 8.04 6.26 -1.82
O3 SO4 E . 8.46 6.89 0.49
O4 SO4 E . 9.57 4.98 -0.36
PA NAD F . 1.88 10.06 -3.27
O1A NAD F . 2.51 11.06 -4.25
O2A NAD F . 1.63 10.43 -1.88
O5B NAD F . 0.56 9.49 -3.98
C5B NAD F . -0.42 8.70 -3.29
C4B NAD F . -1.76 9.17 -3.76
O4B NAD F . -2.76 8.28 -3.24
C3B NAD F . -2.15 10.59 -3.28
O3B NAD F . -2.63 11.31 -4.45
C2B NAD F . -3.26 10.37 -2.27
O2B NAD F . -4.31 11.33 -2.39
C1B NAD F . -3.83 9.01 -2.79
N9A NAD F . -4.64 8.24 -1.78
C8A NAD F . -4.48 8.16 -0.45
N7A NAD F . -5.43 7.38 0.10
C5A NAD F . -6.20 6.93 -0.93
C6A NAD F . -7.35 6.05 -1.06
N6A NAD F . -7.93 5.52 0.03
N1A NAD F . -7.80 5.80 -2.28
C2A NAD F . -7.27 6.37 -3.39
N3A NAD F . -6.22 7.20 -3.37
C4A NAD F . -5.66 7.49 -2.16
O3 NAD F . 2.93 8.84 -3.24
PN NAD F . 3.76 8.16 -4.42
O1N NAD F . 5.20 8.61 -4.22
O2N NAD F . 3.06 8.37 -5.73
O5D NAD F . 3.92 6.64 -3.89
C5D NAD F . 2.81 5.81 -4.25
C4D NAD F . 3.16 4.38 -4.11
O4D NAD F . 4.19 4.04 -5.07
C3D NAD F . 3.72 4.06 -2.75
O3D NAD F . 3.47 2.64 -2.49
C2D NAD F . 5.20 4.18 -2.95
O2D NAD F . 6.00 3.37 -2.06
C1D NAD F . 5.37 3.66 -4.38
N1N NAD F . 6.54 4.14 -5.14
C2N NAD F . 6.98 5.44 -5.07
C3N NAD F . 8.08 5.88 -5.83
C7N NAD F . 8.60 7.32 -5.72
O7N NAD F . 9.81 7.47 -5.90
N7N NAD F . 7.82 8.33 -5.40
C4N NAD F . 8.72 4.99 -6.69
C5N NAD F . 8.26 3.68 -6.73
C6N NAD F . 7.15 3.31 -5.98
S SO4 G . -15.98 7.25 1.56
O1 SO4 G . -17.37 7.45 1.04
O2 SO4 G . -15.04 7.77 0.49
O3 SO4 G . -15.84 7.97 2.85
O4 SO4 G . -15.79 5.78 1.91
S SO4 H . 19.86 2.82 -24.31
O1 SO4 H . 18.41 2.91 -23.97
O2 SO4 H . 19.86 2.36 -25.71
O3 SO4 H . 20.46 4.17 -24.07
O4 SO4 H . 20.66 1.77 -23.58
S SO4 I . 42.71 -10.14 -6.41
O1 SO4 I . 43.32 -11.45 -6.78
O2 SO4 I . 43.04 -9.02 -7.37
O3 SO4 I . 43.18 -9.72 -5.07
O4 SO4 I . 41.26 -10.41 -6.32
C1 GOL J . 22.81 10.92 -19.53
O1 GOL J . 21.99 11.42 -20.58
C2 GOL J . 22.65 9.47 -19.81
O2 GOL J . 22.86 9.47 -21.20
C3 GOL J . 23.68 8.60 -19.20
O3 GOL J . 23.37 7.32 -19.71
N1 PHN K . 6.89 40.21 29.02
C2 PHN K . 6.39 39.26 29.87
C3 PHN K . 5.12 39.40 30.45
C4 PHN K . 4.35 40.52 30.16
C4A PHN K . 4.85 41.53 29.32
C5 PHN K . 4.11 42.68 29.00
C6 PHN K . 4.59 43.68 28.15
C6A PHN K . 5.86 43.57 27.55
C7 PHN K . 6.36 44.58 26.69
C8 PHN K . 7.64 44.44 26.13
C9 PHN K . 8.41 43.28 26.43
N10 PHN K . 7.96 42.28 27.25
C10 PHN K . 6.73 42.39 27.82
C1A PHN K . 6.20 41.33 28.72
N1 PHN L . 0.35 30.95 38.93
C2 PHN L . -0.38 30.15 39.73
C3 PHN L . -1.27 30.67 40.67
C4 PHN L . -1.44 32.05 40.78
C4A PHN L . -0.72 32.91 39.97
C5 PHN L . -0.88 34.30 40.06
C6 PHN L . -0.19 35.20 39.24
C6A PHN L . 0.68 34.71 38.29
C7 PHN L . 1.36 35.57 37.44
C8 PHN L . 2.24 35.02 36.49
C9 PHN L . 2.42 33.63 36.39
N10 PHN L . 1.77 32.77 37.19
C10 PHN L . 0.93 33.24 38.14
C1A PHN L . 0.21 32.31 39.00
S SO4 M . -1.42 34.66 8.92
O1 SO4 M . -0.47 35.11 7.86
O2 SO4 M . -2.69 34.38 8.22
O3 SO4 M . -1.71 35.77 9.90
O4 SO4 M . -0.77 33.45 9.56
S SO4 N . 1.07 27.36 9.11
O1 SO4 N . 1.48 26.61 7.94
O2 SO4 N . 0.89 28.68 8.52
O3 SO4 N . -0.25 26.95 9.67
O4 SO4 N . 2.11 27.40 10.18
PA NAD O . 2.76 20.97 13.74
O1A NAD O . 4.23 20.82 13.96
O2A NAD O . 2.09 20.21 12.60
O5B NAD O . 2.09 20.51 15.15
C5B NAD O . 0.73 20.14 15.25
C4B NAD O . 0.63 19.00 16.31
O4B NAD O . -0.78 18.81 16.62
C3B NAD O . 1.20 17.65 15.86
O3B NAD O . 2.19 17.11 16.79
C2B NAD O . -0.07 16.80 15.70
O2B NAD O . 0.15 15.43 15.97
C1B NAD O . -1.01 17.40 16.75
N9A NAD O . -2.44 17.12 16.59
C8A NAD O . -3.18 17.01 15.44
N7A NAD O . -4.50 16.77 15.71
C5A NAD O . -4.58 16.72 17.06
C6A NAD O . -5.67 16.48 18.04
N6A NAD O . -6.89 16.27 17.57
N1A NAD O . -5.38 16.53 19.36
C2A NAD O . -4.11 16.77 19.75
N3A NAD O . -3.04 16.97 18.93
C4A NAD O . -3.24 16.95 17.61
O3 NAD O . 2.13 22.46 13.54
PN NAD O . 2.76 23.85 14.15
O1N NAD O . 3.71 24.42 13.11
O2N NAD O . 3.32 23.43 15.45
O5D NAD O . 1.48 24.84 14.16
C5D NAD O . 0.42 24.58 15.05
C4D NAD O . -0.50 25.77 15.11
O4D NAD O . 0.34 26.86 15.42
C3D NAD O . -1.17 26.11 13.81
O3D NAD O . -2.45 26.73 14.09
C2D NAD O . -0.17 27.08 13.13
O2D NAD O . -0.88 27.87 12.20
C1D NAD O . 0.30 27.85 14.37
N1N NAD O . 1.58 28.58 14.26
C2N NAD O . 2.66 28.06 13.59
C3N NAD O . 3.89 28.75 13.45
C7N NAD O . 5.13 28.19 12.76
O7N NAD O . 6.07 28.90 12.44
N7N NAD O . 5.28 26.87 12.55
C4N NAD O . 3.93 30.01 14.01
C5N NAD O . 2.83 30.55 14.69
C6N NAD O . 1.65 29.82 14.80
S SO4 P . -10.20 8.99 20.26
O1 SO4 P . -11.36 9.88 20.28
O2 SO4 P . -10.13 8.36 18.93
O3 SO4 P . -8.87 9.60 20.54
O4 SO4 P . -10.47 8.04 21.36
S SO4 Q . 8.93 63.85 -0.24
O1 SO4 Q . 7.96 62.77 0.13
O2 SO4 Q . 8.98 63.88 -1.72
O3 SO4 Q . 10.29 63.58 0.29
O4 SO4 Q . 8.45 65.13 0.37
C1 GOL R . 5.38 35.60 38.79
O1 GOL R . 4.56 34.69 39.63
C2 GOL R . 4.59 36.74 38.08
O2 GOL R . 3.45 37.16 38.87
C3 GOL R . 5.35 38.04 37.79
O3 GOL R . 5.88 38.29 36.47
C1 GOL S . 19.13 41.49 16.14
O1 GOL S . 18.06 40.67 16.80
C2 GOL S . 20.55 40.89 15.91
O2 GOL S . 20.57 39.62 15.22
C3 GOL S . 21.34 41.91 15.07
O3 GOL S . 22.67 41.50 14.67
N1 PHN T . -5.10 -34.14 4.51
C2 PHN T . -5.74 -33.04 4.98
C3 PHN T . -5.18 -31.75 4.99
C4 PHN T . -3.88 -31.58 4.52
C4A PHN T . -3.20 -32.71 4.04
C5 PHN T . -1.91 -32.58 3.55
C6 PHN T . -1.18 -33.64 3.05
C6A PHN T . -1.67 -34.94 2.98
C7 PHN T . -0.89 -35.96 2.47
C8 PHN T . -1.42 -37.24 2.44
C9 PHN T . -2.72 -37.47 2.92
N10 PHN T . -3.53 -36.49 3.43
C10 PHN T . -3.06 -35.21 3.48
C1A PHN T . -3.84 -34.06 4.02
N1 PHN U . -9.91 -20.77 9.87
C2 PHN U . -10.31 -19.53 10.16
C3 PHN U . -9.41 -18.53 10.48
C4 PHN U . -8.05 -18.83 10.45
C4A PHN U . -7.63 -20.12 10.13
C5 PHN U . -6.31 -20.44 10.10
C6 PHN U . -5.85 -21.71 9.80
C6A PHN U . -6.71 -22.73 9.47
C7 PHN U . -6.22 -24.00 9.13
C8 PHN U . -7.16 -25.01 8.83
C9 PHN U . -8.55 -24.71 8.83
N10 PHN U . -9.02 -23.49 9.17
C10 PHN U . -8.18 -22.49 9.49
C1A PHN U . -8.64 -21.13 9.81
S SO4 V . -11.64 -35.24 -16.87
O1 SO4 V . -11.64 -34.35 -18.11
O2 SO4 V . -11.79 -36.69 -17.06
O3 SO4 V . -10.35 -34.93 -16.11
O4 SO4 V . -12.84 -34.98 -16.01
S SO4 W . -18.92 -34.62 -15.20
O1 SO4 W . -19.78 -35.31 -16.17
O2 SO4 W . -17.69 -35.35 -15.54
O3 SO4 W . -18.80 -33.18 -15.43
O4 SO4 W . -19.13 -34.84 -13.76
PA NAD X . -24.70 -31.47 -10.43
O1A NAD X . -25.05 -32.53 -9.44
O2A NAD X . -25.48 -31.22 -11.68
O5B NAD X . -24.57 -30.16 -9.54
C5B NAD X . -24.58 -28.86 -10.12
C4B NAD X . -25.37 -27.89 -9.24
O4B NAD X . -25.09 -26.56 -9.67
C3B NAD X . -26.92 -28.11 -9.34
O3B NAD X . -27.46 -28.31 -8.02
C2B NAD X . -27.48 -26.91 -10.06
O2B NAD X . -28.78 -26.41 -9.60
C1B NAD X . -26.32 -25.89 -9.72
N9A NAD X . -26.25 -24.70 -10.60
C8A NAD X . -26.46 -24.57 -11.94
N7A NAD X . -26.27 -23.29 -12.31
C5A NAD X . -25.93 -22.58 -11.20
C6A NAD X . -25.65 -21.16 -10.96
N6A NAD X . -25.67 -20.28 -12.00
N1A NAD X . -25.34 -20.82 -9.75
C2A NAD X . -25.33 -21.68 -8.69
N3A NAD X . -25.63 -23.00 -8.83
C4A NAD X . -25.94 -23.47 -10.07
O3 NAD X . -23.14 -31.73 -10.83
PN NAD X . -21.97 -32.45 -9.95
O1N NAD X . -21.86 -33.86 -10.44
O2N NAD X . -22.12 -31.95 -8.53
O5D NAD X . -20.67 -31.71 -10.63
C5D NAD X . -20.36 -30.34 -10.33
C4D NAD X . -18.92 -30.03 -10.72
O4D NAD X . -18.08 -30.96 -10.07
C3D NAD X . -18.69 -30.20 -12.23
O3D NAD X . -17.68 -29.24 -12.58
C2D NAD X . -18.16 -31.61 -12.33
O2D NAD X . -17.35 -31.87 -13.51
C1D NAD X . -17.38 -31.72 -11.03
N1N NAD X . -17.10 -33.04 -10.52
C2N NAD X . -18.12 -34.00 -10.48
C3N NAD X . -17.84 -35.25 -9.98
C7N NAD X . -18.87 -36.37 -9.96
O7N NAD X . -18.46 -37.51 -9.97
N7N NAD X . -20.15 -36.09 -9.94
C4N NAD X . -16.60 -35.55 -9.44
C5N NAD X . -15.62 -34.57 -9.44
C6N NAD X . -15.94 -33.31 -9.97
C1 GOL Y . 11.61 -58.31 -19.35
O1 GOL Y . 11.00 -57.33 -20.17
C2 GOL Y . 10.45 -59.23 -19.46
O2 GOL Y . 10.59 -59.71 -20.80
C3 GOL Y . 10.47 -60.28 -18.38
O3 GOL Y . 9.38 -61.16 -18.47
C1 GOL Z . -10.44 -51.18 0.92
O1 GOL Z . -9.37 -51.36 0.06
C2 GOL Z . -11.44 -52.12 0.41
O2 GOL Z . -10.94 -53.49 0.28
C3 GOL Z . -12.43 -52.05 1.53
O3 GOL Z . -13.62 -52.10 0.75
C1 GOL AA . -7.92 -47.70 5.66
O1 GOL AA . -9.10 -48.20 4.99
C2 GOL AA . -6.85 -47.23 4.67
O2 GOL AA . -6.52 -45.82 4.74
C3 GOL AA . -5.61 -48.05 4.87
O3 GOL AA . -4.49 -47.50 4.13
C1 GOL BA . -7.23 -25.17 12.39
O1 GOL BA . -8.09 -26.31 12.30
C2 GOL BA . -5.86 -25.79 12.18
O2 GOL BA . -5.96 -27.01 11.35
C3 GOL BA . -4.86 -24.68 11.81
O3 GOL BA . -3.70 -25.15 11.07
#